data_7ENG
#
_entry.id   7ENG
#
_cell.length_a   1.00
_cell.length_b   1.00
_cell.length_c   1.00
_cell.angle_alpha   90.00
_cell.angle_beta   90.00
_cell.angle_gamma   90.00
#
_symmetry.space_group_name_H-M   'P 1'
#
loop_
_entity.id
_entity.type
_entity.pdbx_description
1 polymer 'Light chain of Fab30'
2 polymer 'Heavy chain of Fab30'
3 polymer 'Spike glycoprotein'
4 branched 2-acetamido-2-deoxy-beta-D-glucopyranose-(1-4)-2-acetamido-2-deoxy-beta-D-glucopyranose
#
loop_
_entity_poly.entity_id
_entity_poly.type
_entity_poly.pdbx_seq_one_letter_code
_entity_poly.pdbx_strand_id
1 'polypeptide(L)'
;DIVMTQSPDSLAVSLGERATINCKSSQSVLYRSNNKNYLAWYQQKPGQPPKLLIYWASTRESGVPDRFSGSGSGTDFTLT
ISSLQAEDVAVYYCHQYYSTPFTFGGGTKVDIKRTVAAPSVFIFPPSDEQLKSGTASVVCLLNNFYPREAKVQWKVDNAL
QSGNSQESVTEQDSKDSTYSLSSTLTLSKADYEKHKVYACEVTHQGLSSPVTKSFNRGEC
;
L
2 'polypeptide(L)'
;EVQLVESGGGVVQPGRSLRLSCAASGFTFSSYPMHWVRQAPGKGLEWVAVISYDGSNKYYADSVKGRFTISRDNSKNTLY
LQMNSLRAEDTAVYYCARDTEDCSSTTCYVDYWGQGTLVTVSSASTKGPSVFPLAPSSKSTSGGTAALGCLVKDYFPEPV
TVSWNSGALTSGVHTFPAVLQSSGLYSLSSVVTVPSSSLGTQTYICNVNHKPSNTKVDKKVEPKSCDKTH
;
H
3 'polypeptide(L)'
;MFVFLVLLPLVSSQCVNLTTRTQLPPAYTNSFTRGVYYPDKVFRSSVLHSTQDLFLPFFSNVTWFHAIHVSGTNGTKRFD
NPVLPFNDGVYFASTEKSNIIRGWIFGTTLDSKTQSLLIVNNATNVVIKVCEFQFCNDPFLGVYYHKNNKSWMESEFRVY
SSANNCTFEYVSQPFLMDLEGKQGNFKNLREFVFKNIDGYFKIYSKHTPINLVRDLPQGFSALEPLVDLPIGINITRFQT
LLALHRSYLTPGDSSSGWTAGAAAYYVGYLQPRTFLLKYNENGTITDAVDCALDPLSETKCTLKSFTVEKGIYQTSNFRV
QPTESIVRFPNITNLCPFGEVFNATRFASVYAWNRKRISNCVADYSVLYNSASFSTFKCYGVSPTKLNDLCFTNVYADSF
VIRGDEVRQIAPGQTGKIADYNYKLPDDFTGCVIAWNSNNLDSKVGGNYNYLYRLFRKSNLKPFERDISTEIYQAGSTPC
NGVEGFNCYFPLQSYGFQPTNGVGYQPYRVVVLSFELLHAPATVCGPKKSTNLVKNKCVNFNFNGLTGTGVLTESNKKFL
PFQQFGRDIADTTDAVRDPQTLEILDITPCSFGGVSVITPGTNTSNQVAVLYQDVNCTEVPVAIHADQLTPTWRVYSTGS
NVFQTRAGCLIGAEHVNNSYECDIPIGAGICASYQTQTNSPGSASSVASQSIIAYTMSLGAENSVAYSNNSIAIPTNFTI
SVTTEILPVSMTKTSVDCTMYICGDSTECSNLLLQYGSFCTQLNRALTGIAVEQDKNTQEVFAQVKQIYKTPPIKDFGGF
NFSQILPDPSKPSKRSPIEDLLFNKVTLADAGFIKQYGDCLGDIAARDLICAQKFNGLTVLPPLLTDEMIAQYTSALLAG
TITSGWTFGAGPALQIPFPMQMAYRFNGIGVTQNVLYENQKLIANQFNSAIGKIQDSLSSTPSALGKLQDVVNQNAQALN
TLVKQLSSNFGAISSVLNDILSRLDPPEAEVQIDRLITGRLQSLQTYVTQQLIRAAEIRASANLAATKMSECVLGQSKRV
DFCGKGYHLMSFPQSAPHGVVFLHVTYVPAQEKNFTTAPAICHDGKAHFPREGVFVSNGTHWFVTQRNFYEPQIITTDNT
FVSGNCDVVIGIVNNTVYDPLQPELDSFKEELDKYFKNHTSPDVDLGDISGINASVVNIQKEIDRLNEVAKNLNESLIDL
QELGKYEQGSGYIPEAPRDGQAYVRKDGEWVLLSTFLGRSLEVLFQGPGHHHHHHHHSAWSHPQFEKGGGSGGGGSGGSA
WSHPQFEK
;
B
#
loop_
_chem_comp.id
_chem_comp.type
_chem_comp.name
_chem_comp.formula
NAG D-saccharide, beta linking 2-acetamido-2-deoxy-beta-D-glucopyranose 'C8 H15 N O6'
#
# COMPACT_ATOMS: atom_id res chain seq x y z
N ASP A 1 -12.39 5.28 7.43
CA ASP A 1 -10.97 5.58 7.42
C ASP A 1 -10.61 6.60 6.35
N ILE A 2 -9.32 6.82 6.15
CA ILE A 2 -8.81 7.76 5.17
C ILE A 2 -8.37 6.97 3.94
N VAL A 3 -8.96 7.28 2.79
CA VAL A 3 -8.69 6.58 1.55
C VAL A 3 -7.90 7.49 0.62
N MET A 4 -6.89 6.92 -0.03
CA MET A 4 -6.01 7.67 -0.91
C MET A 4 -6.40 7.41 -2.37
N THR A 5 -6.50 8.47 -3.15
CA THR A 5 -6.75 8.24 -4.59
C THR A 5 -5.55 8.80 -5.32
N GLN A 6 -4.93 7.99 -6.16
CA GLN A 6 -3.67 8.44 -6.77
C GLN A 6 -3.91 8.48 -8.26
N SER A 7 -3.64 9.63 -8.88
CA SER A 7 -3.91 9.80 -10.34
C SER A 7 -2.69 10.39 -11.04
N PRO A 8 -2.37 10.01 -12.29
CA PRO A 8 -3.15 9.03 -13.03
C PRO A 8 -2.88 7.55 -12.78
N ASP A 9 -3.29 6.71 -13.71
CA ASP A 9 -2.98 5.30 -13.60
C ASP A 9 -1.68 5.00 -14.32
N SER A 10 -1.62 5.30 -15.62
CA SER A 10 -0.35 5.26 -16.33
C SER A 10 0.13 6.68 -16.60
N LEU A 11 1.43 6.88 -16.49
CA LEU A 11 2.05 8.18 -16.73
C LEU A 11 3.27 7.93 -17.58
N ALA A 12 3.09 7.95 -18.90
CA ALA A 12 4.16 7.66 -19.85
C ALA A 12 4.90 8.95 -20.20
N VAL A 13 6.20 8.95 -19.98
CA VAL A 13 7.04 10.13 -20.19
C VAL A 13 8.35 9.69 -20.81
N SER A 14 8.84 10.46 -21.78
CA SER A 14 10.12 10.20 -22.41
C SER A 14 11.25 10.79 -21.58
N LEU A 15 12.47 10.34 -21.87
CA LEU A 15 13.61 10.75 -21.08
C LEU A 15 13.85 12.25 -21.19
N GLY A 16 14.39 12.83 -20.12
CA GLY A 16 14.60 14.25 -20.04
C GLY A 16 13.37 15.08 -19.72
N GLU A 17 12.18 14.57 -20.01
CA GLU A 17 10.96 15.29 -19.70
C GLU A 17 10.69 15.25 -18.19
N ARG A 18 9.69 16.02 -17.76
CA ARG A 18 9.26 16.04 -16.38
C ARG A 18 8.08 15.08 -16.18
N ALA A 19 7.59 15.01 -14.95
CA ALA A 19 6.48 14.12 -14.62
C ALA A 19 5.93 14.52 -13.26
N THR A 20 4.63 14.28 -13.08
CA THR A 20 3.98 14.66 -11.83
C THR A 20 2.81 13.72 -11.55
N ILE A 21 2.86 13.06 -10.39
CA ILE A 21 1.78 12.20 -9.91
C ILE A 21 1.13 12.91 -8.73
N ASN A 22 -0.18 12.80 -8.61
CA ASN A 22 -0.89 13.48 -7.54
C ASN A 22 -1.71 12.50 -6.72
N CYS A 23 -1.92 12.87 -5.45
CA CYS A 23 -2.68 12.05 -4.52
C CYS A 23 -3.56 12.94 -3.67
N LYS A 24 -4.78 12.44 -3.41
CA LYS A 24 -5.77 13.14 -2.62
C LYS A 24 -6.31 12.20 -1.57
N SER A 25 -6.27 12.62 -0.31
CA SER A 25 -6.79 11.81 0.79
C SER A 25 -8.18 12.30 1.17
N SER A 26 -8.99 11.37 1.69
CA SER A 26 -10.36 11.69 2.05
C SER A 26 -10.43 12.76 3.12
N GLN A 27 -9.71 12.56 4.23
CA GLN A 27 -9.57 13.57 5.26
C GLN A 27 -8.24 14.32 5.08
N SER A 28 -8.00 15.27 5.97
CA SER A 28 -6.80 16.09 5.90
C SER A 28 -5.76 15.51 6.85
N VAL A 29 -4.73 14.87 6.28
CA VAL A 29 -3.66 14.28 7.08
C VAL A 29 -2.62 15.38 7.26
N LEU A 30 -2.86 16.26 8.24
CA LEU A 30 -1.93 17.35 8.51
C LEU A 30 -1.93 17.57 10.01
N TYR A 31 -0.91 17.05 10.68
CA TYR A 31 -0.73 17.32 12.09
C TYR A 31 -0.42 18.80 12.28
N ARG A 32 -0.99 19.40 13.32
CA ARG A 32 -0.85 20.84 13.52
C ARG A 32 -0.03 21.22 14.74
N SER A 33 0.10 20.33 15.73
CA SER A 33 0.94 20.64 16.88
C SER A 33 2.38 20.87 16.46
N ASN A 34 2.87 20.06 15.52
CA ASN A 34 3.99 20.42 14.68
C ASN A 34 3.44 20.75 13.30
N ASN A 35 4.25 21.41 12.49
CA ASN A 35 3.80 21.64 11.12
C ASN A 35 4.25 20.52 10.20
N LYS A 36 4.00 19.28 10.61
CA LYS A 36 4.38 18.11 9.84
C LYS A 36 3.16 17.55 9.14
N ASN A 37 3.38 16.92 8.01
CA ASN A 37 2.31 16.49 7.12
C ASN A 37 2.44 14.99 6.92
N TYR A 38 1.70 14.22 7.71
CA TYR A 38 1.86 12.77 7.75
C TYR A 38 1.43 12.17 6.42
N LEU A 39 2.41 11.79 5.61
CA LEU A 39 2.20 11.12 4.33
C LEU A 39 3.56 10.72 3.77
N ALA A 40 3.58 9.68 2.95
CA ALA A 40 4.84 9.19 2.43
C ALA A 40 4.64 8.66 1.02
N TRP A 41 5.76 8.58 0.29
CA TRP A 41 5.76 8.22 -1.12
C TRP A 41 6.80 7.14 -1.33
N TYR A 42 6.35 5.95 -1.74
CA TYR A 42 7.17 4.79 -2.03
C TYR A 42 7.20 4.54 -3.53
N GLN A 43 8.16 3.74 -3.97
CA GLN A 43 8.16 3.23 -5.33
C GLN A 43 8.49 1.75 -5.29
N GLN A 44 8.10 1.05 -6.36
CA GLN A 44 8.35 -0.38 -6.46
C GLN A 44 8.73 -0.73 -7.88
N LYS A 45 9.86 -1.39 -8.05
CA LYS A 45 10.20 -1.98 -9.33
C LYS A 45 9.46 -3.30 -9.48
N PRO A 46 9.29 -3.80 -10.71
CA PRO A 46 8.59 -5.08 -10.89
C PRO A 46 9.41 -6.23 -10.32
N GLY A 47 8.86 -6.89 -9.31
CA GLY A 47 9.50 -8.06 -8.73
C GLY A 47 10.47 -7.78 -7.60
N GLN A 48 10.31 -6.68 -6.88
CA GLN A 48 11.19 -6.30 -5.79
C GLN A 48 10.34 -5.69 -4.69
N PRO A 49 10.84 -5.66 -3.45
CA PRO A 49 10.14 -4.93 -2.40
C PRO A 49 10.26 -3.44 -2.64
N PRO A 50 9.28 -2.65 -2.21
CA PRO A 50 9.34 -1.21 -2.46
C PRO A 50 10.46 -0.51 -1.71
N LYS A 51 10.62 0.80 -1.98
CA LYS A 51 11.57 1.64 -1.30
C LYS A 51 10.82 2.82 -0.71
N LEU A 52 11.52 3.62 0.09
CA LEU A 52 10.98 4.89 0.55
C LEU A 52 11.61 6.02 -0.25
N LEU A 53 10.78 6.98 -0.65
CA LEU A 53 11.27 8.11 -1.44
C LEU A 53 10.99 9.45 -0.77
N ILE A 54 9.80 9.62 -0.20
CA ILE A 54 9.46 10.87 0.50
C ILE A 54 8.76 10.52 1.80
N TYR A 55 9.12 11.24 2.87
CA TYR A 55 8.35 11.21 4.10
C TYR A 55 8.15 12.62 4.59
N TRP A 56 7.11 12.80 5.41
CA TRP A 56 6.56 14.12 5.75
C TRP A 56 6.04 14.86 4.53
N ALA A 57 5.89 14.16 3.40
CA ALA A 57 5.29 14.65 2.17
C ALA A 57 6.18 15.66 1.44
N SER A 58 7.27 16.09 2.07
CA SER A 58 8.22 16.95 1.37
C SER A 58 9.65 16.47 1.46
N THR A 59 10.08 15.99 2.63
CA THR A 59 11.47 15.63 2.85
C THR A 59 11.85 14.47 1.94
N ARG A 60 13.14 14.16 1.90
CA ARG A 60 13.66 13.08 1.06
C ARG A 60 14.47 12.12 1.91
N GLU A 61 14.38 10.83 1.57
CA GLU A 61 15.16 9.81 2.26
C GLU A 61 16.57 9.79 1.72
N SER A 62 17.55 9.73 2.63
CA SER A 62 18.95 9.74 2.22
C SER A 62 19.25 8.63 1.23
N GLY A 63 19.95 8.97 0.16
CA GLY A 63 20.25 8.02 -0.88
C GLY A 63 19.31 8.07 -2.05
N VAL A 64 18.76 9.24 -2.36
CA VAL A 64 17.77 9.37 -3.43
C VAL A 64 18.18 10.53 -4.33
N PRO A 65 18.17 10.36 -5.65
CA PRO A 65 18.58 11.45 -6.53
C PRO A 65 17.67 12.66 -6.38
N ASP A 66 18.25 13.85 -6.60
CA ASP A 66 17.54 15.10 -6.40
C ASP A 66 16.35 15.24 -7.34
N ARG A 67 16.29 14.42 -8.40
CA ARG A 67 15.27 14.59 -9.42
C ARG A 67 13.84 14.46 -8.89
N PHE A 68 13.64 13.72 -7.81
CA PHE A 68 12.33 13.64 -7.18
C PHE A 68 12.11 14.82 -6.26
N SER A 69 10.84 15.18 -6.08
CA SER A 69 10.50 16.21 -5.10
C SER A 69 9.01 16.10 -4.76
N GLY A 70 8.71 16.09 -3.47
CA GLY A 70 7.34 16.01 -3.01
C GLY A 70 6.87 17.36 -2.50
N SER A 71 5.72 17.79 -3.00
CA SER A 71 5.12 19.05 -2.60
C SER A 71 3.65 18.83 -2.26
N GLY A 72 3.05 19.83 -1.63
CA GLY A 72 1.65 19.77 -1.28
C GLY A 72 1.44 19.91 0.21
N SER A 73 0.16 19.91 0.59
CA SER A 73 -0.22 20.11 1.98
C SER A 73 -1.69 19.74 2.13
N GLY A 74 -2.18 19.81 3.36
CA GLY A 74 -3.57 19.52 3.63
C GLY A 74 -3.96 18.13 3.18
N THR A 75 -4.74 18.05 2.10
CA THR A 75 -5.13 16.77 1.54
C THR A 75 -4.82 16.65 0.05
N ASP A 76 -3.89 17.47 -0.46
CA ASP A 76 -3.44 17.35 -1.84
C ASP A 76 -1.92 17.32 -1.90
N PHE A 77 -1.38 16.29 -2.54
CA PHE A 77 0.07 16.09 -2.57
C PHE A 77 0.50 15.66 -3.96
N THR A 78 1.76 15.91 -4.28
CA THR A 78 2.29 15.64 -5.61
C THR A 78 3.75 15.20 -5.51
N LEU A 79 4.10 14.21 -6.32
CA LEU A 79 5.48 13.79 -6.53
C LEU A 79 5.89 14.21 -7.93
N THR A 80 6.95 15.01 -8.02
CA THR A 80 7.43 15.57 -9.26
C THR A 80 8.79 14.96 -9.58
N ILE A 81 8.89 14.33 -10.73
CA ILE A 81 10.14 13.78 -11.24
C ILE A 81 10.63 14.75 -12.31
N SER A 82 11.74 15.44 -12.02
CA SER A 82 12.21 16.47 -12.94
C SER A 82 12.77 15.86 -14.21
N SER A 83 13.82 15.05 -14.08
CA SER A 83 14.41 14.35 -15.21
C SER A 83 14.10 12.87 -15.09
N LEU A 84 14.11 12.18 -16.22
CA LEU A 84 13.85 10.75 -16.26
C LEU A 84 15.08 10.01 -16.75
N GLN A 85 15.24 8.78 -16.27
CA GLN A 85 16.36 7.93 -16.66
C GLN A 85 15.85 6.50 -16.76
N ALA A 86 16.77 5.56 -17.01
CA ALA A 86 16.39 4.17 -17.15
C ALA A 86 15.82 3.60 -15.85
N GLU A 87 16.37 4.02 -14.71
CA GLU A 87 16.05 3.42 -13.42
C GLU A 87 14.81 4.05 -12.77
N ASP A 88 13.93 4.67 -13.56
CA ASP A 88 12.70 5.26 -13.03
C ASP A 88 11.45 4.68 -13.67
N VAL A 89 11.49 3.43 -14.12
CA VAL A 89 10.29 2.74 -14.61
C VAL A 89 9.79 1.90 -13.45
N ALA A 90 8.90 2.47 -12.65
CA ALA A 90 8.45 1.81 -11.43
C ALA A 90 7.07 2.31 -11.06
N VAL A 91 6.34 1.49 -10.33
CA VAL A 91 5.00 1.83 -9.88
C VAL A 91 5.09 2.54 -8.54
N TYR A 92 4.50 3.74 -8.46
CA TYR A 92 4.65 4.59 -7.29
C TYR A 92 3.40 4.53 -6.42
N TYR A 93 3.61 4.52 -5.09
CA TYR A 93 2.53 4.38 -4.13
C TYR A 93 2.55 5.53 -3.14
N CYS A 94 1.37 6.02 -2.82
CA CYS A 94 1.19 6.92 -1.69
C CYS A 94 0.84 6.12 -0.45
N HIS A 95 1.12 6.68 0.71
CA HIS A 95 0.85 5.96 1.94
C HIS A 95 0.68 6.96 3.07
N GLN A 96 -0.55 7.15 3.54
CA GLN A 96 -0.73 7.90 4.75
C GLN A 96 -0.22 7.10 5.93
N TYR A 97 0.13 7.81 7.00
CA TYR A 97 0.36 7.16 8.29
C TYR A 97 -0.18 8.03 9.41
N TYR A 98 -1.37 8.58 9.20
CA TYR A 98 -2.03 9.42 10.21
C TYR A 98 -2.92 8.60 11.12
N SER A 99 -3.93 7.94 10.58
CA SER A 99 -4.92 7.22 11.37
C SER A 99 -4.93 5.76 10.98
N THR A 100 -4.75 4.88 11.95
CA THR A 100 -4.88 3.45 11.71
C THR A 100 -6.34 3.12 11.41
N PRO A 101 -6.62 2.32 10.37
CA PRO A 101 -5.69 1.64 9.45
C PRO A 101 -5.02 2.56 8.43
N PHE A 102 -3.75 2.28 8.13
CA PHE A 102 -3.06 3.01 7.09
C PHE A 102 -3.53 2.50 5.73
N THR A 103 -3.29 3.30 4.69
CA THR A 103 -3.78 2.96 3.36
C THR A 103 -2.75 3.35 2.32
N PHE A 104 -2.75 2.61 1.22
CA PHE A 104 -1.86 2.90 0.11
C PHE A 104 -2.67 3.38 -1.09
N GLY A 105 -2.02 3.57 -2.24
CA GLY A 105 -2.69 3.99 -3.45
C GLY A 105 -2.61 2.90 -4.50
N GLY A 106 -3.25 3.18 -5.64
CA GLY A 106 -3.34 2.18 -6.70
C GLY A 106 -2.08 2.01 -7.51
N GLY A 107 -1.23 3.03 -7.57
CA GLY A 107 0.02 2.96 -8.28
C GLY A 107 0.04 3.89 -9.47
N THR A 108 1.20 3.94 -10.13
CA THR A 108 1.33 4.67 -11.38
C THR A 108 2.48 4.11 -12.19
N LYS A 109 2.19 3.30 -13.21
CA LYS A 109 3.25 2.63 -13.95
C LYS A 109 3.96 3.59 -14.87
N VAL A 110 4.93 4.33 -14.33
CA VAL A 110 5.64 5.35 -15.08
C VAL A 110 6.51 4.64 -16.12
N ASP A 111 6.07 4.66 -17.37
CA ASP A 111 6.77 4.00 -18.46
C ASP A 111 7.71 4.97 -19.16
N ILE A 112 8.20 4.59 -20.33
CA ILE A 112 9.06 5.43 -21.16
C ILE A 112 8.33 5.71 -22.47
N LYS A 113 8.25 7.00 -22.82
CA LYS A 113 7.61 7.41 -24.06
C LYS A 113 8.59 7.32 -25.21
N ARG A 114 8.19 6.66 -26.28
CA ARG A 114 9.02 6.46 -27.45
C ARG A 114 8.22 6.76 -28.72
N THR A 115 8.91 6.70 -29.85
CA THR A 115 8.24 6.77 -31.14
C THR A 115 7.32 5.56 -31.29
N VAL A 116 6.17 5.78 -31.94
CA VAL A 116 5.21 4.70 -32.14
C VAL A 116 5.89 3.54 -32.85
N ALA A 117 5.54 2.32 -32.45
CA ALA A 117 6.20 1.12 -32.93
C ALA A 117 5.24 0.29 -33.78
N ALA A 118 5.81 -0.66 -34.51
CA ALA A 118 5.04 -1.48 -35.45
C ALA A 118 4.94 -2.90 -34.92
N PRO A 119 3.73 -3.40 -34.65
CA PRO A 119 3.59 -4.80 -34.20
C PRO A 119 4.05 -5.77 -35.28
N SER A 120 4.50 -6.94 -34.85
CA SER A 120 4.80 -8.07 -35.71
C SER A 120 3.93 -9.24 -35.28
N VAL A 121 3.04 -9.68 -36.17
CA VAL A 121 1.91 -10.53 -35.80
C VAL A 121 2.08 -11.91 -36.41
N PHE A 122 1.90 -12.94 -35.59
CA PHE A 122 2.01 -14.34 -36.00
C PHE A 122 0.76 -15.09 -35.55
N ILE A 123 0.72 -16.40 -35.83
CA ILE A 123 -0.40 -17.24 -35.42
C ILE A 123 0.05 -18.70 -35.38
N PHE A 124 -0.66 -19.51 -34.60
CA PHE A 124 -0.37 -20.94 -34.47
C PHE A 124 -1.58 -21.79 -34.11
N PRO A 125 -1.95 -22.74 -34.97
CA PRO A 125 -2.97 -23.74 -34.60
C PRO A 125 -2.33 -24.90 -33.86
N PRO A 126 -3.02 -25.48 -32.88
CA PRO A 126 -2.34 -26.31 -31.89
C PRO A 126 -1.58 -27.47 -32.51
N SER A 127 -0.45 -27.82 -31.88
CA SER A 127 0.38 -28.90 -32.38
C SER A 127 -0.36 -30.23 -32.30
N ASP A 128 0.01 -31.13 -33.21
CA ASP A 128 -0.74 -32.38 -33.37
C ASP A 128 -0.77 -33.17 -32.07
N GLU A 129 0.37 -33.25 -31.37
CA GLU A 129 0.41 -33.98 -30.11
C GLU A 129 -0.52 -33.37 -29.06
N GLN A 130 -0.84 -32.08 -29.18
CA GLN A 130 -1.85 -31.50 -28.31
C GLN A 130 -3.25 -31.91 -28.71
N LEU A 131 -3.49 -32.12 -30.01
CA LEU A 131 -4.79 -32.64 -30.43
C LEU A 131 -5.06 -34.01 -29.83
N LYS A 132 -4.01 -34.78 -29.55
CA LYS A 132 -4.14 -36.02 -28.80
C LYS A 132 -4.19 -35.79 -27.30
N SER A 133 -3.87 -34.58 -26.84
CA SER A 133 -3.85 -34.26 -25.42
C SER A 133 -5.22 -33.87 -24.88
N GLY A 134 -5.90 -32.95 -25.55
CA GLY A 134 -7.23 -32.55 -25.10
C GLY A 134 -7.40 -31.06 -24.90
N THR A 135 -6.52 -30.25 -25.49
CA THR A 135 -6.59 -28.80 -25.40
C THR A 135 -6.50 -28.20 -26.80
N ALA A 136 -7.39 -27.26 -27.11
CA ALA A 136 -7.39 -26.55 -28.37
C ALA A 136 -6.86 -25.14 -28.11
N SER A 137 -5.54 -25.00 -28.17
CA SER A 137 -4.84 -23.75 -27.85
C SER A 137 -4.26 -23.17 -29.14
N VAL A 138 -4.74 -22.00 -29.52
CA VAL A 138 -4.20 -21.24 -30.64
C VAL A 138 -3.73 -19.89 -30.10
N VAL A 139 -2.60 -19.41 -30.62
CA VAL A 139 -1.97 -18.20 -30.09
C VAL A 139 -1.66 -17.24 -31.23
N CYS A 140 -1.64 -15.95 -30.89
CA CYS A 140 -1.26 -14.87 -31.79
C CYS A 140 -0.29 -13.97 -31.05
N LEU A 141 0.94 -13.88 -31.56
CA LEU A 141 2.04 -13.21 -30.87
C LEU A 141 2.23 -11.80 -31.40
N LEU A 142 1.80 -10.82 -30.62
CA LEU A 142 2.00 -9.41 -30.93
C LEU A 142 3.28 -8.96 -30.25
N ASN A 143 4.26 -8.53 -31.04
CA ASN A 143 5.59 -8.23 -30.52
C ASN A 143 6.00 -6.82 -30.91
N ASN A 144 6.73 -6.18 -29.98
CA ASN A 144 7.45 -4.93 -30.23
C ASN A 144 6.52 -3.82 -30.74
N PHE A 145 5.61 -3.42 -29.86
CA PHE A 145 4.65 -2.38 -30.19
C PHE A 145 4.53 -1.38 -29.05
N TYR A 146 4.16 -0.15 -29.41
CA TYR A 146 3.94 0.93 -28.45
C TYR A 146 3.04 1.94 -29.14
N PRO A 147 2.07 2.56 -28.42
CA PRO A 147 1.80 2.43 -26.99
C PRO A 147 1.10 1.14 -26.58
N ARG A 148 0.71 1.08 -25.30
CA ARG A 148 0.21 -0.16 -24.73
C ARG A 148 -1.08 -0.62 -25.40
N GLU A 149 -1.99 0.31 -25.68
CA GLU A 149 -3.34 -0.06 -26.09
C GLU A 149 -3.30 -0.89 -27.37
N ALA A 150 -4.00 -2.02 -27.35
CA ALA A 150 -4.10 -2.90 -28.51
C ALA A 150 -5.25 -3.86 -28.27
N LYS A 151 -6.29 -3.77 -29.09
CA LYS A 151 -7.41 -4.70 -29.02
C LYS A 151 -7.12 -5.88 -29.93
N VAL A 152 -7.42 -7.08 -29.47
CA VAL A 152 -7.22 -8.30 -30.24
C VAL A 152 -8.57 -8.96 -30.49
N GLN A 153 -8.91 -9.14 -31.75
CA GLN A 153 -10.13 -9.82 -32.16
C GLN A 153 -9.75 -11.16 -32.77
N TRP A 154 -10.18 -12.25 -32.13
CA TRP A 154 -9.91 -13.59 -32.61
C TRP A 154 -11.14 -14.10 -33.34
N LYS A 155 -11.00 -14.38 -34.63
CA LYS A 155 -12.12 -14.76 -35.49
C LYS A 155 -11.97 -16.22 -35.89
N VAL A 156 -12.96 -17.03 -35.51
CA VAL A 156 -13.03 -18.44 -35.89
C VAL A 156 -14.10 -18.53 -36.96
N ASP A 157 -13.69 -18.59 -38.23
CA ASP A 157 -14.60 -18.52 -39.37
C ASP A 157 -15.46 -17.26 -39.29
N ASN A 158 -14.79 -16.13 -39.05
CA ASN A 158 -15.42 -14.82 -38.92
C ASN A 158 -16.43 -14.82 -37.78
N ALA A 159 -15.94 -15.08 -36.57
CA ALA A 159 -16.78 -15.09 -35.38
C ALA A 159 -15.93 -14.73 -34.17
N LEU A 160 -16.17 -13.55 -33.61
CA LEU A 160 -15.47 -13.14 -32.40
C LEU A 160 -15.86 -14.04 -31.24
N GLN A 161 -14.86 -14.48 -30.48
CA GLN A 161 -15.08 -15.31 -29.30
C GLN A 161 -14.87 -14.48 -28.04
N SER A 162 -15.64 -14.81 -27.00
CA SER A 162 -15.54 -14.12 -25.72
C SER A 162 -15.53 -15.16 -24.61
N GLY A 163 -14.80 -14.86 -23.55
CA GLY A 163 -14.67 -15.79 -22.43
C GLY A 163 -13.56 -16.80 -22.57
N ASN A 164 -13.55 -17.55 -23.67
CA ASN A 164 -12.51 -18.54 -23.93
C ASN A 164 -11.24 -17.93 -24.48
N SER A 165 -11.10 -16.61 -24.45
CA SER A 165 -9.92 -15.91 -24.95
C SER A 165 -9.15 -15.33 -23.79
N GLN A 166 -7.89 -15.72 -23.65
CA GLN A 166 -7.01 -15.23 -22.60
C GLN A 166 -5.81 -14.54 -23.23
N GLU A 167 -5.49 -13.36 -22.73
CA GLU A 167 -4.37 -12.57 -23.24
C GLU A 167 -3.55 -12.04 -22.08
N SER A 168 -2.28 -11.75 -22.36
CA SER A 168 -1.38 -11.22 -21.35
C SER A 168 -0.30 -10.41 -22.04
N VAL A 169 0.36 -9.55 -21.27
CA VAL A 169 1.36 -8.63 -21.81
C VAL A 169 2.58 -8.64 -20.91
N THR A 170 3.74 -8.40 -21.51
CA THR A 170 4.98 -8.30 -20.76
C THR A 170 5.08 -6.91 -20.13
N GLU A 171 6.16 -6.66 -19.42
CA GLU A 171 6.44 -5.34 -18.87
C GLU A 171 7.14 -4.50 -19.94
N GLN A 172 7.68 -3.36 -19.54
CA GLN A 172 8.38 -2.48 -20.47
C GLN A 172 9.67 -3.16 -20.90
N ASP A 173 9.70 -3.67 -22.12
CA ASP A 173 10.85 -4.45 -22.58
C ASP A 173 12.12 -3.61 -22.51
N SER A 174 13.21 -4.25 -22.07
CA SER A 174 14.42 -3.51 -21.72
C SER A 174 15.14 -2.97 -22.94
N LYS A 175 15.20 -3.75 -24.02
CA LYS A 175 16.09 -3.42 -25.13
C LYS A 175 15.60 -2.24 -25.95
N ASP A 176 14.29 -2.14 -26.18
CA ASP A 176 13.76 -1.14 -27.09
C ASP A 176 12.57 -0.37 -26.53
N SER A 177 12.24 -0.54 -25.25
CA SER A 177 11.11 0.16 -24.62
C SER A 177 9.81 -0.12 -25.36
N THR A 178 9.67 -1.33 -25.88
CA THR A 178 8.44 -1.76 -26.54
C THR A 178 7.72 -2.76 -25.64
N TYR A 179 6.61 -3.28 -26.14
CA TYR A 179 5.80 -4.26 -25.43
C TYR A 179 5.74 -5.56 -26.22
N SER A 180 4.90 -6.46 -25.72
CA SER A 180 4.57 -7.70 -26.40
C SER A 180 3.23 -8.16 -25.87
N LEU A 181 2.72 -9.26 -26.41
CA LEU A 181 1.44 -9.80 -25.98
C LEU A 181 1.34 -11.26 -26.39
N SER A 182 0.81 -12.09 -25.49
CA SER A 182 0.61 -13.51 -25.73
C SER A 182 -0.88 -13.80 -25.67
N SER A 183 -1.57 -13.59 -26.79
CA SER A 183 -2.98 -13.86 -26.90
C SER A 183 -3.19 -15.34 -27.20
N THR A 184 -4.21 -15.93 -26.59
CA THR A 184 -4.49 -17.33 -26.84
C THR A 184 -5.98 -17.60 -26.72
N LEU A 185 -6.44 -18.55 -27.52
CA LEU A 185 -7.81 -19.08 -27.43
C LEU A 185 -7.72 -20.54 -27.00
N THR A 186 -8.20 -20.84 -25.79
CA THR A 186 -8.16 -22.18 -25.25
C THR A 186 -9.56 -22.79 -25.33
N LEU A 187 -9.65 -23.96 -25.94
CA LEU A 187 -10.92 -24.61 -26.18
C LEU A 187 -10.78 -26.11 -26.00
N SER A 188 -11.92 -26.79 -25.96
CA SER A 188 -11.96 -28.25 -25.95
C SER A 188 -11.85 -28.77 -27.39
N LYS A 189 -11.75 -30.10 -27.50
CA LYS A 189 -11.63 -30.72 -28.82
C LYS A 189 -12.92 -30.67 -29.60
N ALA A 190 -14.07 -30.74 -28.91
CA ALA A 190 -15.35 -30.87 -29.59
C ALA A 190 -15.60 -29.70 -30.55
N ASP A 191 -15.48 -28.47 -30.05
CA ASP A 191 -15.71 -27.31 -30.90
C ASP A 191 -14.56 -27.10 -31.88
N TYR A 192 -13.37 -27.60 -31.55
CA TYR A 192 -12.20 -27.36 -32.39
C TYR A 192 -12.36 -28.02 -33.77
N GLU A 193 -12.88 -29.24 -33.81
CA GLU A 193 -13.04 -29.94 -35.08
C GLU A 193 -14.06 -29.25 -35.98
N LYS A 194 -15.02 -28.53 -35.39
CA LYS A 194 -16.17 -28.02 -36.12
C LYS A 194 -15.87 -26.76 -36.93
N HIS A 195 -14.62 -26.36 -37.07
CA HIS A 195 -14.28 -25.15 -37.81
C HIS A 195 -12.94 -25.35 -38.51
N LYS A 196 -12.70 -24.56 -39.53
CA LYS A 196 -11.50 -24.70 -40.34
C LYS A 196 -10.65 -23.43 -40.44
N VAL A 197 -11.19 -22.27 -40.11
CA VAL A 197 -10.49 -21.00 -40.28
C VAL A 197 -10.42 -20.28 -38.94
N TYR A 198 -9.22 -19.78 -38.61
CA TYR A 198 -9.00 -18.94 -37.45
C TYR A 198 -8.27 -17.68 -37.90
N ALA A 199 -8.49 -16.59 -37.17
CA ALA A 199 -7.88 -15.31 -37.54
C ALA A 199 -7.71 -14.45 -36.29
N CYS A 200 -6.55 -13.79 -36.19
CA CYS A 200 -6.25 -12.89 -35.08
C CYS A 200 -6.01 -11.49 -35.66
N GLU A 201 -6.71 -10.51 -35.11
CA GLU A 201 -6.68 -9.14 -35.63
C GLU A 201 -6.32 -8.18 -34.50
N VAL A 202 -5.89 -6.98 -34.87
CA VAL A 202 -5.44 -5.99 -33.91
C VAL A 202 -5.51 -4.61 -34.54
N THR A 203 -5.81 -3.61 -33.72
CA THR A 203 -5.69 -2.20 -34.08
C THR A 203 -4.66 -1.54 -33.16
N HIS A 204 -3.95 -0.56 -33.69
CA HIS A 204 -2.90 0.11 -32.92
C HIS A 204 -2.61 1.46 -33.56
N GLN A 205 -1.90 2.31 -32.81
CA GLN A 205 -1.55 3.64 -33.30
C GLN A 205 -0.66 3.54 -34.54
N GLY A 206 0.31 2.64 -34.53
CA GLY A 206 1.16 2.46 -35.69
C GLY A 206 0.50 1.75 -36.84
N LEU A 207 -0.75 1.33 -36.69
CA LEU A 207 -1.48 0.60 -37.71
C LEU A 207 -2.63 1.48 -38.22
N SER A 208 -2.59 1.81 -39.51
CA SER A 208 -3.70 2.57 -40.09
C SER A 208 -4.96 1.74 -40.13
N SER A 209 -4.87 0.52 -40.64
CA SER A 209 -5.96 -0.44 -40.68
C SER A 209 -5.49 -1.73 -40.03
N PRO A 210 -6.40 -2.55 -39.51
CA PRO A 210 -5.97 -3.74 -38.78
C PRO A 210 -5.15 -4.68 -39.65
N VAL A 211 -4.13 -5.27 -39.05
CA VAL A 211 -3.32 -6.30 -39.69
C VAL A 211 -3.80 -7.65 -39.23
N THR A 212 -4.01 -8.55 -40.18
CA THR A 212 -4.63 -9.85 -39.93
C THR A 212 -3.68 -10.97 -40.31
N LYS A 213 -3.57 -11.96 -39.44
CA LYS A 213 -2.81 -13.18 -39.71
C LYS A 213 -3.72 -14.37 -39.48
N SER A 214 -4.13 -15.03 -40.55
CA SER A 214 -5.09 -16.11 -40.52
C SER A 214 -4.54 -17.33 -41.25
N PHE A 215 -5.40 -18.34 -41.42
CA PHE A 215 -5.02 -19.58 -42.09
C PHE A 215 -6.27 -20.43 -42.22
N ASN A 216 -6.09 -21.62 -42.80
CA ASN A 216 -7.07 -22.69 -42.78
C ASN A 216 -6.42 -23.93 -42.17
N ARG A 217 -7.17 -24.63 -41.32
CA ARG A 217 -6.62 -25.81 -40.66
C ARG A 217 -6.29 -26.89 -41.70
N GLY A 218 -5.16 -27.56 -41.49
CA GLY A 218 -4.70 -28.58 -42.41
C GLY A 218 -3.81 -28.07 -43.52
N GLU A 219 -3.79 -26.77 -43.77
CA GLU A 219 -2.99 -26.16 -44.82
C GLU A 219 -3.26 -26.80 -46.19
N GLU B 1 22.14 -1.07 7.97
CA GLU B 1 21.51 -2.18 7.26
C GLU B 1 20.70 -3.05 8.21
N VAL B 2 19.57 -3.55 7.73
CA VAL B 2 18.75 -4.50 8.48
C VAL B 2 18.33 -5.61 7.54
N GLN B 3 18.45 -6.85 8.01
CA GLN B 3 18.13 -8.03 7.21
C GLN B 3 16.88 -8.68 7.80
N LEU B 4 15.78 -8.61 7.06
CA LEU B 4 14.51 -9.22 7.45
C LEU B 4 14.21 -10.33 6.46
N VAL B 5 13.98 -11.53 6.95
CA VAL B 5 13.64 -12.66 6.10
C VAL B 5 12.30 -13.24 6.55
N GLU B 6 11.37 -13.36 5.61
CA GLU B 6 10.03 -13.83 5.90
C GLU B 6 9.95 -15.32 5.62
N SER B 7 9.72 -16.11 6.67
CA SER B 7 9.64 -17.55 6.54
C SER B 7 8.20 -17.96 6.24
N GLY B 8 7.94 -19.26 6.30
CA GLY B 8 6.59 -19.78 6.19
C GLY B 8 5.98 -19.53 4.82
N GLY B 9 4.69 -19.83 4.75
CA GLY B 9 3.91 -19.58 3.55
C GLY B 9 4.03 -20.69 2.53
N GLY B 10 3.37 -20.46 1.40
CA GLY B 10 3.34 -21.46 0.35
C GLY B 10 1.93 -21.82 -0.07
N VAL B 11 1.56 -23.07 0.13
CA VAL B 11 0.26 -23.54 -0.33
C VAL B 11 -0.67 -23.78 0.85
N VAL B 12 -1.93 -23.36 0.71
CA VAL B 12 -2.96 -23.58 1.71
C VAL B 12 -4.24 -23.98 1.00
N GLN B 13 -5.17 -24.51 1.78
CA GLN B 13 -6.50 -24.84 1.34
C GLN B 13 -7.51 -23.83 1.90
N PRO B 14 -8.59 -23.56 1.18
CA PRO B 14 -9.60 -22.63 1.71
C PRO B 14 -10.12 -23.11 3.06
N GLY B 15 -9.97 -22.25 4.06
CA GLY B 15 -10.33 -22.59 5.42
C GLY B 15 -9.20 -23.10 6.28
N ARG B 16 -8.02 -23.32 5.70
CA ARG B 16 -6.86 -23.75 6.48
C ARG B 16 -6.38 -22.58 7.36
N SER B 17 -5.36 -22.84 8.17
CA SER B 17 -4.76 -21.82 9.02
C SER B 17 -3.25 -21.89 8.88
N LEU B 18 -2.61 -20.75 8.60
CA LEU B 18 -1.19 -20.70 8.32
C LEU B 18 -0.51 -19.79 9.33
N ARG B 19 0.82 -19.78 9.31
CA ARG B 19 1.60 -19.02 10.30
C ARG B 19 2.89 -18.55 9.67
N LEU B 20 3.00 -17.24 9.48
CA LEU B 20 4.20 -16.63 8.91
C LEU B 20 5.06 -16.06 10.01
N SER B 21 6.38 -16.05 9.77
CA SER B 21 7.32 -15.50 10.73
C SER B 21 8.41 -14.74 9.99
N CYS B 22 8.64 -13.50 10.42
CA CYS B 22 9.78 -12.70 9.97
C CYS B 22 10.88 -12.78 11.01
N ALA B 23 12.06 -13.22 10.59
CA ALA B 23 13.25 -13.16 11.42
C ALA B 23 14.05 -11.94 11.00
N ALA B 24 14.26 -11.03 11.94
CA ALA B 24 14.96 -9.78 11.69
C ALA B 24 16.30 -9.78 12.40
N SER B 25 17.28 -9.11 11.80
CA SER B 25 18.57 -8.92 12.44
C SER B 25 19.17 -7.60 11.96
N GLY B 26 20.08 -7.07 12.74
CA GLY B 26 20.74 -5.82 12.45
C GLY B 26 20.33 -4.67 13.34
N PHE B 27 19.31 -4.83 14.18
CA PHE B 27 18.87 -3.75 15.05
C PHE B 27 18.09 -4.35 16.22
N THR B 28 17.87 -3.51 17.23
CA THR B 28 17.20 -3.93 18.46
C THR B 28 15.73 -4.18 18.15
N PHE B 29 15.36 -5.46 18.01
CA PHE B 29 14.03 -5.82 17.57
C PHE B 29 12.95 -5.41 18.56
N SER B 30 13.32 -5.09 19.79
CA SER B 30 12.35 -4.75 20.83
C SER B 30 12.10 -3.25 20.93
N SER B 31 12.70 -2.44 20.07
CA SER B 31 12.51 -1.00 20.14
C SER B 31 12.06 -0.42 18.80
N TYR B 32 11.30 -1.20 18.04
CA TYR B 32 10.73 -0.76 16.78
C TYR B 32 9.46 -1.54 16.47
N PRO B 33 8.34 -0.87 16.22
CA PRO B 33 7.14 -1.60 15.81
C PRO B 33 7.36 -2.26 14.46
N MET B 34 6.44 -3.15 14.09
CA MET B 34 6.58 -3.88 12.84
C MET B 34 5.23 -3.96 12.16
N HIS B 35 5.26 -3.96 10.82
CA HIS B 35 4.06 -3.99 10.00
C HIS B 35 4.07 -5.21 9.10
N TRP B 36 2.90 -5.59 8.63
CA TRP B 36 2.74 -6.54 7.54
C TRP B 36 1.99 -5.88 6.40
N VAL B 37 2.47 -6.10 5.18
CA VAL B 37 1.88 -5.49 4.01
C VAL B 37 1.67 -6.57 2.96
N ARG B 38 0.44 -6.76 2.54
CA ARG B 38 0.06 -7.78 1.59
C ARG B 38 0.04 -7.17 0.19
N GLN B 39 0.26 -8.00 -0.82
CA GLN B 39 0.27 -7.47 -2.19
C GLN B 39 -0.11 -8.62 -3.12
N ALA B 40 -1.38 -8.62 -3.55
CA ALA B 40 -1.89 -9.68 -4.41
C ALA B 40 -1.31 -9.51 -5.82
N PRO B 41 -0.97 -10.62 -6.50
CA PRO B 41 -0.13 -10.54 -7.70
C PRO B 41 -0.63 -9.55 -8.74
N GLY B 42 0.16 -8.49 -8.97
CA GLY B 42 -0.16 -7.50 -9.96
C GLY B 42 -1.14 -6.43 -9.54
N LYS B 43 -1.57 -6.43 -8.27
CA LYS B 43 -2.59 -5.49 -7.82
C LYS B 43 -2.02 -4.23 -7.19
N GLY B 44 -1.26 -4.37 -6.12
CA GLY B 44 -0.74 -3.23 -5.39
C GLY B 44 -0.76 -3.47 -3.90
N LEU B 45 0.06 -2.70 -3.19
CA LEU B 45 0.25 -2.93 -1.76
C LEU B 45 -1.02 -2.64 -0.99
N GLU B 46 -1.15 -3.28 0.17
CA GLU B 46 -2.28 -3.14 1.05
C GLU B 46 -1.81 -3.39 2.46
N TRP B 47 -2.24 -2.55 3.40
CA TRP B 47 -1.83 -2.71 4.79
C TRP B 47 -2.49 -3.94 5.39
N VAL B 48 -1.86 -4.51 6.42
CA VAL B 48 -2.50 -5.64 7.10
C VAL B 48 -2.58 -5.43 8.61
N ALA B 49 -1.45 -5.19 9.26
CA ALA B 49 -1.43 -5.15 10.72
C ALA B 49 -0.32 -4.22 11.20
N VAL B 50 -0.15 -4.16 12.51
CA VAL B 50 0.92 -3.37 13.14
C VAL B 50 1.03 -3.83 14.59
N ILE B 51 2.21 -3.66 15.17
CA ILE B 51 2.47 -3.98 16.58
C ILE B 51 3.10 -2.75 17.23
N SER B 52 3.23 -2.80 18.55
CA SER B 52 3.95 -1.80 19.31
C SER B 52 5.23 -2.41 19.85
N TYR B 53 6.16 -1.54 20.27
CA TYR B 53 7.54 -1.99 20.49
C TYR B 53 7.64 -2.88 21.73
N ASP B 54 6.68 -2.79 22.63
CA ASP B 54 6.61 -3.71 23.76
C ASP B 54 5.55 -4.79 23.58
N GLY B 55 4.98 -4.91 22.39
CA GLY B 55 4.04 -5.97 22.08
C GLY B 55 2.75 -5.91 22.88
N SER B 56 2.15 -4.72 22.98
CA SER B 56 0.87 -4.60 23.68
C SER B 56 -0.26 -4.23 22.75
N ASN B 57 -0.10 -3.13 22.01
CA ASN B 57 -1.16 -2.66 21.14
C ASN B 57 -1.01 -3.23 19.74
N LYS B 58 -2.11 -3.72 19.18
CA LYS B 58 -2.10 -4.31 17.86
C LYS B 58 -3.31 -3.81 17.09
N TYR B 59 -3.08 -3.11 15.98
CA TYR B 59 -4.15 -2.64 15.13
C TYR B 59 -4.12 -3.40 13.81
N TYR B 60 -5.29 -3.64 13.24
CA TYR B 60 -5.38 -4.42 12.01
C TYR B 60 -5.98 -3.57 10.91
N ALA B 61 -6.21 -4.20 9.76
CA ALA B 61 -6.89 -3.55 8.65
C ALA B 61 -8.40 -3.65 8.87
N ASP B 62 -9.19 -3.33 7.85
CA ASP B 62 -10.63 -3.49 7.95
C ASP B 62 -11.08 -4.84 7.41
N SER B 63 -10.50 -5.29 6.30
CA SER B 63 -10.86 -6.55 5.69
C SER B 63 -10.19 -7.75 6.34
N VAL B 64 -9.54 -7.56 7.48
CA VAL B 64 -8.81 -8.64 8.14
C VAL B 64 -9.28 -8.80 9.58
N LYS B 65 -9.80 -7.71 10.16
CA LYS B 65 -10.07 -7.66 11.59
C LYS B 65 -10.87 -8.87 12.05
N GLY B 66 -10.29 -9.62 12.98
CA GLY B 66 -10.90 -10.82 13.50
C GLY B 66 -10.52 -12.09 12.78
N ARG B 67 -9.80 -12.01 11.65
CA ARG B 67 -9.36 -13.20 10.94
C ARG B 67 -7.91 -13.55 11.23
N PHE B 68 -7.01 -12.58 11.21
CA PHE B 68 -5.60 -12.82 11.49
C PHE B 68 -5.28 -12.38 12.91
N THR B 69 -4.16 -12.87 13.43
CA THR B 69 -3.68 -12.48 14.75
C THR B 69 -2.18 -12.32 14.68
N ILE B 70 -1.68 -11.15 15.06
CA ILE B 70 -0.29 -10.80 14.86
C ILE B 70 0.38 -10.65 16.21
N SER B 71 1.40 -11.47 16.46
CA SER B 71 2.16 -11.46 17.70
C SER B 71 3.63 -11.25 17.38
N ARG B 72 4.44 -11.19 18.42
CA ARG B 72 5.82 -10.72 18.26
C ARG B 72 6.67 -11.30 19.39
N ASP B 73 7.57 -12.22 19.04
CA ASP B 73 8.44 -12.87 20.02
C ASP B 73 9.75 -12.11 20.06
N ASN B 74 9.91 -11.27 21.10
CA ASN B 74 11.12 -10.47 21.21
C ASN B 74 12.35 -11.35 21.48
N SER B 75 12.17 -12.42 22.25
CA SER B 75 13.32 -13.23 22.68
C SER B 75 14.03 -13.84 21.49
N LYS B 76 13.29 -14.37 20.53
CA LYS B 76 13.88 -14.93 19.32
C LYS B 76 14.04 -13.90 18.22
N ASN B 77 13.70 -12.64 18.48
CA ASN B 77 13.74 -11.56 17.49
C ASN B 77 12.94 -11.95 16.25
N THR B 78 11.65 -12.20 16.46
CA THR B 78 10.81 -12.67 15.38
C THR B 78 9.42 -12.05 15.48
N LEU B 79 8.74 -11.99 14.34
CA LEU B 79 7.40 -11.43 14.21
C LEU B 79 6.49 -12.49 13.61
N TYR B 80 5.41 -12.84 14.29
CA TYR B 80 4.56 -13.93 13.87
C TYR B 80 3.20 -13.41 13.48
N LEU B 81 2.62 -14.00 12.43
CA LEU B 81 1.28 -13.67 12.00
C LEU B 81 0.54 -14.96 11.71
N GLN B 82 -0.53 -15.21 12.45
CA GLN B 82 -1.33 -16.42 12.34
C GLN B 82 -2.58 -16.10 11.53
N MET B 83 -2.73 -16.75 10.39
CA MET B 83 -3.88 -16.57 9.52
C MET B 83 -4.90 -17.67 9.77
N ASN B 84 -6.15 -17.28 9.96
CA ASN B 84 -7.25 -18.20 10.22
C ASN B 84 -8.36 -17.96 9.20
N SER B 85 -8.95 -19.04 8.71
CA SER B 85 -10.14 -19.00 7.85
C SER B 85 -9.85 -18.24 6.55
N LEU B 86 -8.82 -18.69 5.84
CA LEU B 86 -8.43 -18.04 4.61
C LEU B 86 -9.51 -18.18 3.55
N ARG B 87 -9.73 -17.11 2.81
CA ARG B 87 -10.62 -17.10 1.65
C ARG B 87 -9.79 -17.02 0.38
N ALA B 88 -10.46 -17.21 -0.76
CA ALA B 88 -9.77 -17.22 -2.04
C ALA B 88 -9.13 -15.88 -2.38
N GLU B 89 -9.51 -14.81 -1.70
CA GLU B 89 -8.96 -13.49 -1.97
C GLU B 89 -7.69 -13.20 -1.19
N ASP B 90 -7.22 -14.14 -0.36
CA ASP B 90 -6.05 -13.91 0.47
C ASP B 90 -4.75 -14.41 -0.14
N THR B 91 -4.79 -14.94 -1.36
CA THR B 91 -3.53 -15.28 -2.04
C THR B 91 -2.80 -14.01 -2.43
N ALA B 92 -1.54 -13.91 -2.04
CA ALA B 92 -0.80 -12.67 -2.22
C ALA B 92 0.67 -12.92 -1.88
N VAL B 93 1.44 -11.84 -1.88
CA VAL B 93 2.81 -11.83 -1.39
C VAL B 93 2.84 -10.98 -0.14
N TYR B 94 3.37 -11.53 0.95
CA TYR B 94 3.35 -10.86 2.23
C TYR B 94 4.74 -10.33 2.57
N TYR B 95 4.81 -9.06 2.93
CA TYR B 95 6.06 -8.42 3.33
C TYR B 95 5.98 -8.08 4.79
N CYS B 96 7.03 -8.41 5.53
CA CYS B 96 7.22 -7.72 6.80
C CYS B 96 7.89 -6.40 6.52
N ALA B 97 7.78 -5.46 7.47
CA ALA B 97 8.29 -4.14 7.18
C ALA B 97 8.51 -3.38 8.48
N ARG B 98 9.71 -2.87 8.68
CA ARG B 98 10.08 -2.28 9.96
C ARG B 98 9.69 -0.82 10.04
N ASP B 99 9.09 -0.43 11.16
CA ASP B 99 8.75 0.96 11.38
C ASP B 99 10.00 1.81 11.54
N THR B 100 9.78 3.09 11.76
CA THR B 100 10.85 3.99 12.20
C THR B 100 10.19 5.06 13.06
N GLU B 101 10.38 4.95 14.37
CA GLU B 101 9.61 5.77 15.30
C GLU B 101 10.09 7.21 15.19
N ASP B 102 9.38 8.00 14.40
CA ASP B 102 9.56 9.45 14.36
C ASP B 102 8.26 10.22 14.57
N CYS B 103 7.12 9.67 14.18
CA CYS B 103 5.84 10.32 14.40
C CYS B 103 5.63 10.59 15.88
N SER B 104 4.69 11.49 16.17
CA SER B 104 4.44 11.90 17.55
C SER B 104 4.07 10.70 18.41
N SER B 105 3.09 9.91 17.96
CA SER B 105 2.64 8.73 18.68
C SER B 105 3.45 7.51 18.23
N THR B 106 2.99 6.32 18.60
CA THR B 106 3.80 5.12 18.43
C THR B 106 3.91 4.70 16.96
N THR B 107 2.78 4.38 16.33
CA THR B 107 2.82 3.91 14.96
C THR B 107 3.21 5.02 14.01
N CYS B 108 4.06 4.71 13.04
CA CYS B 108 4.59 5.73 12.14
C CYS B 108 4.85 5.07 10.80
N TYR B 109 5.57 5.75 9.91
CA TYR B 109 5.77 5.22 8.57
C TYR B 109 6.81 4.10 8.60
N VAL B 110 6.91 3.39 7.48
CA VAL B 110 7.73 2.19 7.38
C VAL B 110 8.81 2.43 6.33
N ASP B 111 10.04 2.01 6.64
CA ASP B 111 11.18 2.36 5.79
C ASP B 111 11.93 1.18 5.20
N TYR B 112 12.18 0.11 5.96
CA TYR B 112 12.96 -1.02 5.47
C TYR B 112 12.06 -2.25 5.35
N TRP B 113 12.04 -2.84 4.16
CA TRP B 113 11.16 -3.94 3.83
C TRP B 113 11.94 -5.24 3.68
N GLY B 114 11.20 -6.35 3.76
CA GLY B 114 11.82 -7.64 3.58
C GLY B 114 11.32 -8.35 2.33
N GLN B 115 12.05 -9.35 1.87
CA GLN B 115 11.58 -10.12 0.72
C GLN B 115 10.28 -10.83 1.07
N GLY B 116 9.43 -11.02 0.07
CA GLY B 116 8.09 -11.47 0.30
C GLY B 116 7.90 -12.98 0.24
N THR B 117 6.91 -13.46 0.99
CA THR B 117 6.49 -14.85 0.91
C THR B 117 5.50 -15.00 -0.25
N LEU B 118 4.91 -16.19 -0.41
CA LEU B 118 4.07 -16.47 -1.56
C LEU B 118 2.83 -17.25 -1.15
N VAL B 119 2.16 -16.81 -0.08
CA VAL B 119 0.95 -17.47 0.39
C VAL B 119 -0.06 -17.57 -0.74
N THR B 120 -0.40 -18.79 -1.13
CA THR B 120 -1.32 -19.06 -2.22
C THR B 120 -2.49 -19.88 -1.70
N VAL B 121 -3.71 -19.44 -1.98
CA VAL B 121 -4.90 -20.06 -1.43
C VAL B 121 -5.69 -20.69 -2.58
N SER B 122 -5.62 -22.02 -2.65
CA SER B 122 -6.38 -22.84 -3.58
C SER B 122 -6.13 -24.30 -3.22
N SER B 123 -7.14 -25.13 -3.43
CA SER B 123 -7.07 -26.55 -3.05
C SER B 123 -6.98 -27.37 -4.34
N ALA B 124 -5.75 -27.56 -4.82
CA ALA B 124 -5.50 -28.37 -6.00
C ALA B 124 -4.10 -28.96 -5.89
N SER B 125 -3.96 -30.20 -6.35
CA SER B 125 -2.69 -30.89 -6.27
C SER B 125 -1.63 -30.16 -7.09
N THR B 126 -0.38 -30.27 -6.64
CA THR B 126 0.73 -29.62 -7.33
C THR B 126 1.04 -30.36 -8.63
N LYS B 127 0.13 -30.27 -9.60
CA LYS B 127 0.25 -31.03 -10.84
C LYS B 127 1.45 -30.57 -11.64
N GLY B 128 2.18 -31.52 -12.21
CA GLY B 128 3.33 -31.22 -13.02
C GLY B 128 2.96 -30.47 -14.27
N PRO B 129 3.76 -29.48 -14.64
CA PRO B 129 3.52 -28.74 -15.88
C PRO B 129 3.65 -29.65 -17.09
N SER B 130 2.77 -29.44 -18.07
CA SER B 130 2.83 -30.13 -19.35
C SER B 130 3.29 -29.14 -20.41
N VAL B 131 4.28 -29.54 -21.19
CA VAL B 131 4.94 -28.66 -22.15
C VAL B 131 4.43 -29.00 -23.54
N PHE B 132 3.87 -27.99 -24.22
CA PHE B 132 3.35 -28.12 -25.56
C PHE B 132 4.19 -27.28 -26.51
N PRO B 133 4.71 -27.91 -27.60
CA PRO B 133 5.44 -27.17 -28.63
C PRO B 133 4.65 -26.21 -29.53
N LEU B 134 5.29 -25.12 -29.93
CA LEU B 134 4.67 -24.13 -30.84
C LEU B 134 5.78 -23.81 -31.82
N ALA B 135 6.21 -24.77 -32.65
CA ALA B 135 7.20 -24.44 -33.69
C ALA B 135 6.48 -24.02 -34.96
N PRO B 136 6.29 -22.70 -35.24
CA PRO B 136 5.67 -22.22 -36.45
C PRO B 136 6.67 -22.07 -37.60
N SER B 137 7.29 -23.18 -37.97
CA SER B 137 8.17 -23.11 -39.15
C SER B 137 7.28 -22.80 -40.35
N SER B 138 6.13 -23.44 -40.42
CA SER B 138 5.26 -23.26 -41.61
C SER B 138 4.02 -22.45 -41.25
N LYS B 139 3.95 -21.92 -40.03
CA LYS B 139 2.80 -21.03 -39.69
C LYS B 139 3.31 -19.60 -39.50
N SER B 140 4.61 -19.45 -39.19
CA SER B 140 5.21 -18.10 -38.97
C SER B 140 6.27 -17.79 -40.01
N THR B 141 5.99 -17.95 -41.31
CA THR B 141 7.09 -17.55 -42.17
C THR B 141 6.94 -16.06 -42.48
N SER B 142 7.78 -15.24 -41.87
CA SER B 142 7.82 -13.80 -42.14
C SER B 142 8.86 -13.46 -43.18
N GLY B 143 9.50 -14.46 -43.79
CA GLY B 143 10.54 -14.23 -44.77
C GLY B 143 11.92 -14.22 -44.15
N GLY B 144 12.13 -13.33 -43.18
CA GLY B 144 13.41 -13.25 -42.52
C GLY B 144 13.50 -14.07 -41.25
N THR B 145 12.56 -13.88 -40.33
CA THR B 145 12.61 -14.52 -39.01
C THR B 145 11.30 -15.24 -38.73
N ALA B 146 11.42 -16.38 -38.05
CA ALA B 146 10.28 -17.15 -37.57
C ALA B 146 10.21 -17.05 -36.05
N ALA B 147 9.02 -16.79 -35.53
CA ALA B 147 8.79 -16.70 -34.09
C ALA B 147 8.17 -18.01 -33.62
N LEU B 148 8.95 -18.79 -32.87
CA LEU B 148 8.51 -20.09 -32.38
C LEU B 148 8.56 -20.13 -30.86
N GLY B 149 7.64 -20.88 -30.27
CA GLY B 149 7.47 -20.83 -28.83
C GLY B 149 7.12 -22.12 -28.13
N CYS B 150 6.69 -21.99 -26.88
CA CYS B 150 6.47 -23.13 -26.00
C CYS B 150 5.45 -22.73 -24.96
N LEU B 151 4.39 -23.52 -24.83
CA LEU B 151 3.34 -23.27 -23.85
C LEU B 151 3.42 -24.31 -22.73
N VAL B 152 3.03 -23.90 -21.53
CA VAL B 152 2.97 -24.82 -20.41
C VAL B 152 1.56 -24.76 -19.83
N LYS B 153 1.05 -25.92 -19.41
CA LYS B 153 -0.27 -26.01 -18.83
C LYS B 153 -0.22 -26.74 -17.50
N ASP B 154 -1.12 -26.36 -16.60
CA ASP B 154 -1.47 -27.18 -15.45
C ASP B 154 -0.26 -27.42 -14.55
N TYR B 155 0.26 -26.33 -13.99
CA TYR B 155 1.28 -26.40 -12.96
C TYR B 155 0.84 -25.53 -11.79
N PHE B 156 1.19 -25.95 -10.58
CA PHE B 156 0.89 -25.22 -9.37
C PHE B 156 1.93 -25.63 -8.34
N PRO B 157 2.45 -24.68 -7.54
CA PRO B 157 2.12 -23.25 -7.41
C PRO B 157 2.88 -22.32 -8.35
N GLU B 158 2.97 -21.06 -7.92
CA GLU B 158 3.44 -19.97 -8.80
C GLU B 158 4.84 -20.17 -9.37
N PRO B 159 5.89 -20.45 -8.59
CA PRO B 159 7.25 -20.24 -9.10
C PRO B 159 7.60 -21.24 -10.20
N VAL B 160 8.04 -20.70 -11.34
CA VAL B 160 8.42 -21.50 -12.49
C VAL B 160 9.41 -20.69 -13.33
N THR B 161 10.37 -21.36 -13.94
CA THR B 161 11.34 -20.71 -14.80
C THR B 161 11.41 -21.44 -16.14
N VAL B 162 11.35 -20.69 -17.23
CA VAL B 162 11.48 -21.24 -18.58
C VAL B 162 12.83 -20.79 -19.14
N SER B 163 13.58 -21.75 -19.68
CA SER B 163 14.91 -21.49 -20.22
C SER B 163 15.02 -22.10 -21.61
N TRP B 164 15.60 -21.35 -22.54
CA TRP B 164 15.70 -21.78 -23.93
C TRP B 164 17.17 -21.92 -24.32
N ASN B 165 17.50 -23.03 -24.98
CA ASN B 165 18.83 -23.30 -25.49
C ASN B 165 19.89 -23.22 -24.39
N SER B 166 19.65 -23.95 -23.30
CA SER B 166 20.60 -24.11 -22.20
C SER B 166 20.99 -22.78 -21.55
N GLY B 167 20.22 -21.73 -21.80
CA GLY B 167 20.57 -20.40 -21.36
C GLY B 167 21.52 -19.67 -22.28
N ALA B 168 21.98 -20.29 -23.35
CA ALA B 168 22.89 -19.63 -24.28
C ALA B 168 22.19 -18.50 -25.03
N LEU B 169 20.97 -18.75 -25.51
CA LEU B 169 20.22 -17.77 -26.29
C LEU B 169 19.39 -16.92 -25.34
N THR B 170 19.84 -15.69 -25.11
CA THR B 170 19.17 -14.76 -24.21
C THR B 170 18.36 -13.69 -24.92
N SER B 171 18.79 -13.28 -26.11
CA SER B 171 18.14 -12.20 -26.83
C SER B 171 16.89 -12.69 -27.55
N GLY B 172 15.82 -11.90 -27.46
CA GLY B 172 14.59 -12.23 -28.16
C GLY B 172 13.66 -13.17 -27.45
N VAL B 173 13.93 -13.50 -26.19
CA VAL B 173 13.08 -14.38 -25.41
C VAL B 173 12.13 -13.52 -24.60
N HIS B 174 10.83 -13.73 -24.79
CA HIS B 174 9.79 -12.95 -24.12
C HIS B 174 9.20 -13.79 -23.00
N THR B 175 9.69 -13.60 -21.79
CA THR B 175 9.14 -14.30 -20.63
C THR B 175 7.82 -13.64 -20.23
N PHE B 176 6.74 -14.41 -20.33
CA PHE B 176 5.42 -13.83 -20.14
C PHE B 176 4.91 -14.06 -18.72
N PRO B 177 4.08 -13.17 -18.19
CA PRO B 177 3.54 -13.36 -16.84
C PRO B 177 2.60 -14.56 -16.80
N ALA B 178 2.80 -15.41 -15.80
CA ALA B 178 1.91 -16.55 -15.60
C ALA B 178 0.52 -16.06 -15.22
N VAL B 179 -0.50 -16.68 -15.82
CA VAL B 179 -1.89 -16.38 -15.50
C VAL B 179 -2.61 -17.70 -15.22
N LEU B 180 -3.35 -17.74 -14.12
CA LEU B 180 -4.12 -18.93 -13.78
C LEU B 180 -5.39 -18.95 -14.61
N GLN B 181 -5.61 -20.04 -15.34
CA GLN B 181 -6.80 -20.18 -16.16
C GLN B 181 -8.04 -20.34 -15.28
N SER B 182 -9.20 -19.98 -15.85
CA SER B 182 -10.46 -20.10 -15.13
C SER B 182 -10.67 -21.49 -14.53
N SER B 183 -9.96 -22.50 -15.04
CA SER B 183 -9.98 -23.82 -14.43
C SER B 183 -9.20 -23.88 -13.12
N GLY B 184 -8.48 -22.81 -12.76
CA GLY B 184 -7.71 -22.77 -11.54
C GLY B 184 -6.28 -23.22 -11.68
N LEU B 185 -5.79 -23.43 -12.89
CA LEU B 185 -4.47 -23.97 -13.14
C LEU B 185 -3.68 -22.99 -14.00
N TYR B 186 -2.40 -22.82 -13.67
CA TYR B 186 -1.60 -21.82 -14.34
C TYR B 186 -1.17 -22.27 -15.73
N SER B 187 -0.71 -21.29 -16.50
CA SER B 187 -0.21 -21.47 -17.86
C SER B 187 0.60 -20.25 -18.24
N LEU B 188 1.54 -20.44 -19.17
CA LEU B 188 2.28 -19.33 -19.75
C LEU B 188 2.96 -19.81 -21.03
N SER B 189 3.27 -18.85 -21.90
CA SER B 189 3.95 -19.11 -23.15
C SER B 189 5.24 -18.31 -23.20
N SER B 190 6.33 -18.96 -23.60
CA SER B 190 7.60 -18.30 -23.84
C SER B 190 7.98 -18.52 -25.30
N VAL B 191 8.33 -17.42 -25.98
CA VAL B 191 8.53 -17.46 -27.43
C VAL B 191 9.85 -16.78 -27.76
N VAL B 192 10.40 -17.13 -28.92
CA VAL B 192 11.65 -16.59 -29.40
C VAL B 192 11.53 -16.26 -30.88
N THR B 193 12.38 -15.34 -31.33
CA THR B 193 12.51 -15.02 -32.74
C THR B 193 13.84 -15.57 -33.25
N VAL B 194 13.82 -16.25 -34.39
CA VAL B 194 14.99 -16.92 -34.91
C VAL B 194 15.08 -16.68 -36.41
N PRO B 195 16.25 -16.28 -36.94
CA PRO B 195 16.39 -16.12 -38.39
C PRO B 195 16.09 -17.43 -39.11
N SER B 196 15.43 -17.30 -40.27
CA SER B 196 15.03 -18.48 -41.03
C SER B 196 16.21 -19.25 -41.59
N SER B 197 17.38 -18.61 -41.71
CA SER B 197 18.56 -19.28 -42.24
C SER B 197 19.24 -20.18 -41.22
N SER B 198 18.88 -20.08 -39.95
CA SER B 198 19.47 -20.89 -38.88
C SER B 198 18.38 -21.61 -38.09
N LEU B 199 17.39 -22.17 -38.80
CA LEU B 199 16.32 -22.89 -38.13
C LEU B 199 16.73 -24.31 -37.78
N GLY B 200 17.07 -25.11 -38.78
CA GLY B 200 17.55 -26.46 -38.53
C GLY B 200 18.99 -26.57 -38.14
N THR B 201 19.77 -25.49 -38.32
CA THR B 201 21.18 -25.53 -37.97
C THR B 201 21.38 -25.74 -36.47
N GLN B 202 20.60 -25.04 -35.65
CA GLN B 202 20.67 -25.14 -34.20
C GLN B 202 19.38 -25.74 -33.67
N THR B 203 19.50 -26.83 -32.93
CA THR B 203 18.34 -27.41 -32.27
C THR B 203 17.87 -26.47 -31.16
N TYR B 204 16.58 -26.52 -30.85
CA TYR B 204 15.98 -25.62 -29.88
C TYR B 204 15.26 -26.42 -28.81
N ILE B 205 15.43 -25.99 -27.56
CA ILE B 205 14.92 -26.72 -26.41
C ILE B 205 14.11 -25.78 -25.52
N CYS B 206 12.97 -26.26 -25.03
CA CYS B 206 12.17 -25.59 -24.01
C CYS B 206 12.39 -26.35 -22.70
N ASN B 207 12.96 -25.66 -21.71
CA ASN B 207 13.21 -26.24 -20.40
C ASN B 207 12.32 -25.55 -19.39
N VAL B 208 11.64 -26.33 -18.56
CA VAL B 208 10.87 -25.83 -17.44
C VAL B 208 11.52 -26.31 -16.16
N ASN B 209 11.72 -25.38 -15.22
CA ASN B 209 12.22 -25.70 -13.89
C ASN B 209 11.19 -25.20 -12.89
N HIS B 210 10.58 -26.14 -12.16
CA HIS B 210 9.56 -25.84 -11.16
C HIS B 210 9.97 -26.52 -9.87
N LYS B 211 10.32 -25.72 -8.86
CA LYS B 211 10.95 -26.28 -7.66
C LYS B 211 10.05 -27.25 -6.90
N PRO B 212 8.79 -26.96 -6.58
CA PRO B 212 8.02 -27.88 -5.73
C PRO B 212 7.92 -29.29 -6.29
N SER B 213 7.71 -29.44 -7.60
CA SER B 213 7.69 -30.75 -8.23
C SER B 213 9.08 -31.19 -8.69
N ASN B 214 10.08 -30.30 -8.62
CA ASN B 214 11.40 -30.54 -9.18
C ASN B 214 11.29 -31.00 -10.63
N THR B 215 10.39 -30.37 -11.37
CA THR B 215 10.16 -30.72 -12.77
C THR B 215 11.26 -30.14 -13.63
N LYS B 216 12.05 -31.01 -14.24
CA LYS B 216 13.11 -30.59 -15.15
C LYS B 216 12.83 -31.22 -16.51
N VAL B 217 11.58 -31.12 -16.95
CA VAL B 217 11.12 -31.78 -18.16
C VAL B 217 11.46 -30.90 -19.36
N ASP B 218 12.28 -31.42 -20.26
CA ASP B 218 12.68 -30.72 -21.47
C ASP B 218 11.77 -31.15 -22.62
N LYS B 219 11.68 -30.27 -23.62
CA LYS B 219 11.00 -30.61 -24.87
C LYS B 219 11.77 -29.99 -26.03
N LYS B 220 12.13 -30.81 -27.02
CA LYS B 220 12.81 -30.29 -28.19
C LYS B 220 11.77 -29.78 -29.18
N VAL B 221 12.02 -28.59 -29.73
CA VAL B 221 11.09 -27.92 -30.62
C VAL B 221 11.78 -27.81 -31.97
N GLU B 222 11.27 -28.53 -32.96
CA GLU B 222 11.91 -28.63 -34.26
C GLU B 222 10.89 -28.38 -35.37
N PRO B 223 11.33 -27.82 -36.49
CA PRO B 223 10.38 -27.40 -37.52
C PRO B 223 9.68 -28.58 -38.18
N LYS B 224 8.48 -28.30 -38.68
CA LYS B 224 7.70 -29.25 -39.46
C LYS B 224 7.42 -28.66 -40.83
N SER B 225 7.65 -29.45 -41.88
CA SER B 225 7.39 -28.98 -43.23
C SER B 225 5.90 -28.73 -43.46
N CYS B 226 5.05 -29.63 -42.96
CA CYS B 226 3.60 -29.52 -43.13
C CYS B 226 3.20 -29.38 -44.59
N THR C 333 -32.15 8.84 16.40
CA THR C 333 -31.64 9.32 15.12
C THR C 333 -30.38 8.52 14.77
N ASN C 334 -29.22 9.18 14.75
CA ASN C 334 -27.96 8.54 14.38
C ASN C 334 -26.89 8.88 15.41
N LEU C 335 -25.99 7.93 15.61
CA LEU C 335 -24.89 8.12 16.56
C LEU C 335 -23.94 9.20 16.06
N CYS C 336 -23.07 9.63 16.95
CA CYS C 336 -22.09 10.68 16.68
C CYS C 336 -20.71 10.24 17.10
N PRO C 337 -19.67 10.85 16.53
CA PRO C 337 -18.32 10.34 16.72
C PRO C 337 -17.67 10.70 18.04
N PHE C 338 -17.96 9.92 19.09
CA PHE C 338 -17.01 9.81 20.19
C PHE C 338 -15.87 8.87 19.84
N GLY C 339 -16.10 7.98 18.86
CA GLY C 339 -15.06 7.03 18.50
C GLY C 339 -13.80 7.69 17.96
N GLU C 340 -13.96 8.71 17.12
CA GLU C 340 -12.80 9.36 16.52
C GLU C 340 -12.28 10.50 17.39
N VAL C 341 -12.80 10.64 18.60
CA VAL C 341 -12.25 11.59 19.57
C VAL C 341 -11.55 10.87 20.71
N PHE C 342 -11.98 9.64 21.00
CA PHE C 342 -11.36 8.87 22.08
C PHE C 342 -10.41 7.82 21.53
N ASN C 343 -10.77 7.18 20.42
CA ASN C 343 -9.88 6.23 19.75
C ASN C 343 -9.01 7.01 18.78
N ALA C 344 -8.37 8.06 19.28
CA ALA C 344 -7.61 8.93 18.40
C ALA C 344 -6.15 8.54 18.44
N THR C 345 -5.59 8.25 17.27
CA THR C 345 -4.17 7.93 17.20
C THR C 345 -3.33 9.16 17.49
N ARG C 346 -3.69 10.31 16.93
CA ARG C 346 -2.90 11.53 17.04
C ARG C 346 -3.69 12.56 17.85
N PHE C 347 -3.18 12.88 19.05
CA PHE C 347 -3.75 13.93 19.88
C PHE C 347 -2.86 15.16 19.77
N ALA C 348 -3.48 16.32 19.53
CA ALA C 348 -2.71 17.54 19.37
C ALA C 348 -2.05 17.94 20.68
N SER C 349 -0.95 18.66 20.58
CA SER C 349 -0.25 19.13 21.77
C SER C 349 -1.04 20.25 22.43
N VAL C 350 -0.69 20.53 23.69
CA VAL C 350 -1.60 21.30 24.53
C VAL C 350 -1.70 22.74 24.09
N TYR C 351 -0.59 23.36 23.67
CA TYR C 351 -0.68 24.77 23.29
C TYR C 351 -1.52 24.96 22.04
N ALA C 352 -1.74 23.89 21.27
CA ALA C 352 -2.56 23.92 20.07
C ALA C 352 -3.64 22.87 20.16
N TRP C 353 -4.35 22.85 21.29
CA TRP C 353 -5.40 21.86 21.53
C TRP C 353 -6.41 21.85 20.39
N ASN C 354 -6.92 20.67 20.09
CA ASN C 354 -7.81 20.47 18.95
C ASN C 354 -9.26 20.53 19.42
N ARG C 355 -10.08 21.28 18.70
CA ARG C 355 -11.48 21.48 19.06
C ARG C 355 -12.38 20.87 18.00
N LYS C 356 -13.46 20.23 18.44
CA LYS C 356 -14.37 19.60 17.49
C LYS C 356 -15.81 19.78 17.93
N ARG C 357 -16.63 20.32 17.02
CA ARG C 357 -18.06 20.49 17.24
C ARG C 357 -18.80 19.24 16.82
N ILE C 358 -19.51 18.60 17.74
CA ILE C 358 -20.31 17.43 17.40
C ILE C 358 -21.77 17.73 17.66
N SER C 359 -22.63 17.32 16.72
CA SER C 359 -24.04 17.70 16.77
C SER C 359 -24.83 16.70 15.94
N ASN C 360 -26.17 16.83 16.02
CA ASN C 360 -27.09 15.97 15.31
C ASN C 360 -26.83 14.49 15.63
N CYS C 361 -26.95 14.18 16.92
CA CYS C 361 -26.53 12.91 17.46
C CYS C 361 -27.58 12.33 18.39
N VAL C 362 -27.35 11.09 18.78
CA VAL C 362 -28.00 10.48 19.94
C VAL C 362 -26.86 9.98 20.82
N ALA C 363 -26.40 10.84 21.72
CA ALA C 363 -25.16 10.60 22.45
C ALA C 363 -25.43 9.72 23.65
N ASP C 364 -24.67 8.64 23.77
CA ASP C 364 -24.78 7.74 24.91
C ASP C 364 -23.54 7.93 25.76
N TYR C 365 -23.66 8.73 26.81
CA TYR C 365 -22.55 8.94 27.73
C TYR C 365 -22.37 7.79 28.71
N SER C 366 -23.28 6.82 28.71
CA SER C 366 -23.09 5.62 29.52
C SER C 366 -21.81 4.89 29.13
N VAL C 367 -21.45 4.94 27.84
CA VAL C 367 -20.24 4.26 27.38
C VAL C 367 -19.02 4.84 28.08
N LEU C 368 -18.95 6.18 28.17
CA LEU C 368 -17.78 6.81 28.77
C LEU C 368 -17.75 6.55 30.28
N TYR C 369 -18.87 6.75 30.96
CA TYR C 369 -18.86 6.65 32.42
C TYR C 369 -18.70 5.21 32.87
N ASN C 370 -19.23 4.25 32.11
CA ASN C 370 -19.08 2.85 32.48
C ASN C 370 -17.72 2.27 32.09
N SER C 371 -16.98 2.96 31.24
CA SER C 371 -15.62 2.52 30.91
C SER C 371 -14.68 2.84 32.07
N ALA C 372 -13.91 1.84 32.48
CA ALA C 372 -12.94 2.01 33.55
C ALA C 372 -11.59 2.49 33.04
N SER C 373 -11.44 2.68 31.73
CA SER C 373 -10.14 3.02 31.17
C SER C 373 -9.65 4.38 31.63
N PHE C 374 -10.56 5.27 32.02
CA PHE C 374 -10.17 6.62 32.39
C PHE C 374 -9.61 6.67 33.80
N SER C 375 -8.82 7.70 34.07
CA SER C 375 -8.31 7.97 35.40
C SER C 375 -9.02 9.14 36.07
N THR C 376 -9.38 10.17 35.31
CA THR C 376 -10.14 11.30 35.85
C THR C 376 -11.36 11.51 34.97
N PHE C 377 -12.55 11.48 35.57
CA PHE C 377 -13.80 11.76 34.87
C PHE C 377 -14.59 12.66 35.81
N LYS C 378 -14.49 13.97 35.59
CA LYS C 378 -15.00 14.96 36.53
C LYS C 378 -15.94 15.92 35.80
N CYS C 379 -17.22 15.89 36.14
CA CYS C 379 -18.20 16.76 35.54
C CYS C 379 -18.52 17.90 36.49
N TYR C 380 -18.55 19.13 35.97
CA TYR C 380 -18.60 20.33 36.80
C TYR C 380 -20.00 20.92 36.92
N GLY C 381 -20.60 21.31 35.80
CA GLY C 381 -21.89 21.94 35.85
C GLY C 381 -23.09 21.02 35.86
N VAL C 382 -22.87 19.71 35.73
CA VAL C 382 -23.93 18.72 35.63
C VAL C 382 -23.58 17.54 36.51
N SER C 383 -24.42 16.51 36.47
CA SER C 383 -24.14 15.26 37.15
C SER C 383 -23.88 14.19 36.11
N PRO C 384 -22.75 13.47 36.19
CA PRO C 384 -22.37 12.56 35.10
C PRO C 384 -23.39 11.47 34.84
N THR C 385 -24.19 11.11 35.84
CA THR C 385 -25.19 10.06 35.66
C THR C 385 -26.50 10.58 35.11
N LYS C 386 -26.65 11.89 34.95
CA LYS C 386 -27.86 12.48 34.38
C LYS C 386 -27.64 13.02 32.98
N LEU C 387 -26.47 12.80 32.39
CA LEU C 387 -26.16 13.32 31.06
C LEU C 387 -26.91 12.63 29.95
N ASN C 388 -27.55 11.49 30.21
CA ASN C 388 -28.28 10.82 29.15
C ASN C 388 -29.60 11.52 28.83
N ASP C 389 -30.17 12.26 29.78
CA ASP C 389 -31.56 12.69 29.69
C ASP C 389 -31.72 14.19 29.44
N LEU C 390 -30.63 14.90 29.14
CA LEU C 390 -30.73 16.32 28.82
C LEU C 390 -30.80 16.48 27.31
N CYS C 391 -30.76 17.73 26.85
CA CYS C 391 -30.59 18.03 25.44
C CYS C 391 -29.82 19.32 25.29
N PHE C 392 -28.86 19.34 24.38
CA PHE C 392 -27.87 20.40 24.28
C PHE C 392 -27.95 21.09 22.93
N THR C 393 -27.63 22.38 22.91
CA THR C 393 -27.62 23.12 21.65
C THR C 393 -26.46 22.66 20.76
N ASN C 394 -25.27 22.60 21.34
CA ASN C 394 -24.07 22.11 20.66
C ASN C 394 -23.08 21.69 21.73
N VAL C 395 -22.37 20.60 21.49
CA VAL C 395 -21.36 20.11 22.41
C VAL C 395 -20.02 20.04 21.71
N TYR C 396 -19.00 20.59 22.37
CA TYR C 396 -17.65 20.74 21.83
C TYR C 396 -16.69 19.85 22.60
N ALA C 397 -15.88 19.09 21.88
CA ALA C 397 -14.87 18.23 22.50
C ALA C 397 -13.51 18.83 22.20
N ASP C 398 -12.80 19.24 23.24
CA ASP C 398 -11.40 19.64 23.11
C ASP C 398 -10.53 18.46 23.46
N SER C 399 -9.34 18.42 22.86
CA SER C 399 -8.47 17.27 23.00
C SER C 399 -7.03 17.71 22.95
N PHE C 400 -6.22 17.16 23.86
CA PHE C 400 -4.79 17.46 23.89
C PHE C 400 -4.10 16.44 24.80
N VAL C 401 -2.81 16.66 25.05
CA VAL C 401 -2.05 15.77 25.91
C VAL C 401 -1.15 16.61 26.81
N ILE C 402 -1.09 16.24 28.09
CA ILE C 402 -0.38 17.01 29.10
C ILE C 402 0.39 16.04 30.00
N ARG C 403 1.16 16.60 30.93
CA ARG C 403 1.84 15.77 31.91
C ARG C 403 0.84 15.24 32.93
N GLY C 404 1.13 14.05 33.46
CA GLY C 404 0.23 13.45 34.42
C GLY C 404 0.13 14.22 35.73
N ASP C 405 1.23 14.86 36.14
CA ASP C 405 1.25 15.58 37.40
C ASP C 405 0.25 16.72 37.45
N GLU C 406 0.13 17.49 36.37
CA GLU C 406 -0.61 18.74 36.40
C GLU C 406 -1.94 18.65 35.67
N VAL C 407 -2.49 17.44 35.56
CA VAL C 407 -3.87 17.30 35.09
C VAL C 407 -4.84 17.96 36.06
N ARG C 408 -4.38 18.27 37.27
CA ARG C 408 -5.18 19.08 38.19
C ARG C 408 -5.44 20.47 37.63
N GLN C 409 -4.56 20.97 36.78
CA GLN C 409 -4.66 22.34 36.31
C GLN C 409 -5.93 22.59 35.52
N ILE C 410 -6.57 21.53 35.05
CA ILE C 410 -7.79 21.65 34.25
C ILE C 410 -8.98 21.80 35.20
N ALA C 411 -9.36 23.04 35.48
CA ALA C 411 -10.51 23.33 36.33
C ALA C 411 -10.99 24.74 36.00
N PRO C 412 -12.21 25.09 36.37
CA PRO C 412 -12.71 26.43 36.06
C PRO C 412 -11.85 27.55 36.64
N GLY C 413 -11.28 27.35 37.83
CA GLY C 413 -10.31 28.29 38.35
C GLY C 413 -8.91 27.75 38.19
N GLN C 414 -8.23 27.48 39.31
CA GLN C 414 -7.04 26.63 39.34
C GLN C 414 -5.95 27.17 38.40
N THR C 415 -5.44 28.34 38.76
CA THR C 415 -4.40 28.97 37.96
C THR C 415 -3.14 28.12 37.89
N GLY C 416 -2.39 28.29 36.81
CA GLY C 416 -1.20 27.48 36.57
C GLY C 416 -0.77 27.60 35.12
N LYS C 417 0.40 27.02 34.83
CA LYS C 417 1.09 27.33 33.58
C LYS C 417 0.25 26.95 32.37
N ILE C 418 -0.17 25.68 32.28
CA ILE C 418 -1.10 25.31 31.22
C ILE C 418 -2.47 25.91 31.46
N ALA C 419 -2.89 25.97 32.72
CA ALA C 419 -4.22 26.51 33.00
C ALA C 419 -4.34 27.99 32.65
N ASP C 420 -3.23 28.71 32.51
CA ASP C 420 -3.27 30.13 32.22
C ASP C 420 -2.73 30.47 30.83
N TYR C 421 -1.50 30.05 30.52
CA TYR C 421 -0.89 30.40 29.25
C TYR C 421 -1.31 29.49 28.11
N ASN C 422 -1.83 28.29 28.40
CA ASN C 422 -2.09 27.29 27.37
C ASN C 422 -3.57 26.98 27.22
N TYR C 423 -4.25 26.58 28.29
CA TYR C 423 -5.67 26.26 28.21
C TYR C 423 -6.40 26.90 29.38
N LYS C 424 -7.29 27.84 29.08
CA LYS C 424 -7.98 28.62 30.10
C LYS C 424 -9.44 28.15 30.16
N LEU C 425 -9.80 27.55 31.27
CA LEU C 425 -11.18 27.12 31.51
C LEU C 425 -11.97 28.24 32.17
N PRO C 426 -13.12 28.62 31.62
CA PRO C 426 -13.92 29.66 32.25
C PRO C 426 -14.46 29.19 33.59
N ASP C 427 -14.65 30.15 34.50
CA ASP C 427 -15.15 29.82 35.84
C ASP C 427 -16.54 29.22 35.77
N ASP C 428 -17.41 29.77 34.92
CA ASP C 428 -18.77 29.27 34.79
C ASP C 428 -18.84 28.09 33.83
N PHE C 429 -18.02 27.08 34.07
CA PHE C 429 -17.96 25.93 33.16
C PHE C 429 -19.10 24.96 33.45
N THR C 430 -19.70 24.46 32.37
CA THR C 430 -20.76 23.44 32.45
C THR C 430 -20.41 22.29 31.48
N GLY C 431 -19.64 21.34 31.98
CA GLY C 431 -19.21 20.24 31.13
C GLY C 431 -18.55 19.11 31.88
N CYS C 432 -17.68 18.35 31.22
CA CYS C 432 -16.98 17.26 31.85
C CYS C 432 -15.54 17.24 31.35
N VAL C 433 -14.66 16.68 32.18
CA VAL C 433 -13.25 16.54 31.85
C VAL C 433 -12.88 15.08 31.99
N ILE C 434 -12.26 14.52 30.97
CA ILE C 434 -11.81 13.14 30.97
C ILE C 434 -10.32 13.14 30.69
N ALA C 435 -9.57 12.37 31.48
CA ALA C 435 -8.14 12.24 31.28
C ALA C 435 -7.73 10.82 31.61
N TRP C 436 -6.91 10.23 30.74
CA TRP C 436 -6.44 8.87 30.98
C TRP C 436 -4.96 8.76 30.63
N ASN C 437 -4.27 7.87 31.34
CA ASN C 437 -2.84 7.70 31.13
C ASN C 437 -2.58 7.00 29.81
N SER C 438 -1.64 7.53 29.04
CA SER C 438 -1.30 6.98 27.74
C SER C 438 0.22 6.93 27.58
N ASN C 439 0.91 6.41 28.60
CA ASN C 439 2.37 6.32 28.51
C ASN C 439 2.80 5.37 27.42
N ASN C 440 1.96 4.40 27.05
CA ASN C 440 2.30 3.42 26.03
C ASN C 440 1.94 3.86 24.63
N LEU C 441 1.59 5.12 24.43
CA LEU C 441 1.33 5.66 23.10
C LEU C 441 2.09 6.93 22.79
N ASP C 442 2.39 7.75 23.80
CA ASP C 442 2.98 9.05 23.58
C ASP C 442 4.45 9.11 23.97
N SER C 443 4.94 8.14 24.74
CA SER C 443 6.30 8.17 25.24
C SER C 443 7.10 7.07 24.56
N LYS C 444 8.15 7.46 23.83
CA LYS C 444 9.00 6.55 23.10
C LYS C 444 10.35 6.41 23.78
N VAL C 445 11.04 5.31 23.48
CA VAL C 445 12.20 4.91 24.27
C VAL C 445 13.25 6.00 24.30
N GLY C 446 13.47 6.67 23.17
CA GLY C 446 14.39 7.80 23.17
C GLY C 446 13.83 9.05 23.81
N GLY C 447 12.54 9.07 24.11
CA GLY C 447 11.90 10.26 24.63
C GLY C 447 11.18 11.00 23.53
N ASN C 448 9.93 11.39 23.78
CA ASN C 448 9.12 12.07 22.78
C ASN C 448 9.28 13.58 22.95
N TYR C 449 9.88 14.22 21.95
CA TYR C 449 10.08 15.66 21.96
C TYR C 449 9.19 16.36 20.94
N ASN C 450 8.22 15.66 20.36
CA ASN C 450 7.28 16.25 19.43
C ASN C 450 6.10 16.90 20.14
N TYR C 451 5.96 16.68 21.44
CA TYR C 451 4.94 17.33 22.25
C TYR C 451 5.53 18.56 22.92
N LEU C 452 4.97 19.73 22.63
CA LEU C 452 5.47 20.99 23.13
C LEU C 452 4.37 21.69 23.92
N TYR C 453 4.75 22.40 24.97
CA TYR C 453 3.83 23.26 25.68
C TYR C 453 4.42 24.66 25.79
N ARG C 454 3.54 25.65 25.80
CA ARG C 454 3.97 27.04 25.75
C ARG C 454 4.28 27.55 27.16
N LEU C 455 5.38 28.30 27.27
CA LEU C 455 5.77 28.92 28.52
C LEU C 455 6.26 30.32 28.20
N PHE C 456 6.24 31.19 29.21
CA PHE C 456 6.61 32.60 29.04
C PHE C 456 5.73 33.31 28.01
N ARG C 457 4.45 33.38 28.34
CA ARG C 457 3.56 34.27 27.59
C ARG C 457 3.51 35.64 28.27
N LYS C 458 3.31 36.67 27.46
CA LYS C 458 3.28 38.04 27.99
C LYS C 458 2.13 38.25 28.94
N SER C 459 1.05 37.49 28.79
CA SER C 459 -0.14 37.66 29.61
C SER C 459 -0.92 36.35 29.60
N ASN C 460 -2.00 36.31 30.37
CA ASN C 460 -2.84 35.13 30.45
C ASN C 460 -3.68 35.02 29.17
N LEU C 461 -4.61 34.07 29.16
CA LEU C 461 -5.46 33.80 28.02
C LEU C 461 -6.91 34.09 28.34
N LYS C 462 -7.66 34.46 27.31
CA LYS C 462 -9.10 34.42 27.42
C LYS C 462 -9.55 32.96 27.59
N PRO C 463 -10.63 32.71 28.32
CA PRO C 463 -11.17 31.35 28.36
C PRO C 463 -11.44 30.83 26.96
N PHE C 464 -10.95 29.61 26.69
CA PHE C 464 -11.02 28.99 25.37
C PHE C 464 -10.33 29.86 24.32
N GLU C 465 -9.04 30.06 24.51
CA GLU C 465 -8.20 30.80 23.57
C GLU C 465 -7.14 29.87 23.03
N ARG C 466 -7.08 29.75 21.71
CA ARG C 466 -6.09 28.93 21.03
C ARG C 466 -5.04 29.85 20.43
N ASP C 467 -3.78 29.65 20.82
CA ASP C 467 -2.68 30.56 20.48
C ASP C 467 -1.53 29.76 19.87
N ILE C 468 -1.59 29.58 18.55
CA ILE C 468 -0.61 28.75 17.86
C ILE C 468 0.61 29.54 17.40
N SER C 469 0.61 30.85 17.56
CA SER C 469 1.72 31.68 17.11
C SER C 469 2.76 31.81 18.22
N THR C 470 4.02 31.59 17.87
CA THR C 470 5.12 31.66 18.83
C THR C 470 6.21 32.55 18.24
N GLU C 471 6.07 33.86 18.44
CA GLU C 471 7.14 34.77 18.11
C GLU C 471 8.20 34.75 19.21
N ILE C 472 9.35 35.32 18.90
CA ILE C 472 10.40 35.41 19.91
C ILE C 472 9.90 36.25 21.07
N TYR C 473 10.20 35.80 22.29
CA TYR C 473 9.72 36.47 23.48
C TYR C 473 10.76 37.47 23.99
N GLN C 474 10.28 38.45 24.75
CA GLN C 474 11.14 39.40 25.43
C GLN C 474 11.02 39.16 26.94
N ALA C 475 12.17 38.94 27.58
CA ALA C 475 12.22 38.68 29.02
C ALA C 475 12.84 39.83 29.81
N GLY C 476 14.01 40.31 29.38
CA GLY C 476 14.67 41.39 30.09
C GLY C 476 14.27 42.74 29.55
N SER C 477 15.24 43.48 29.00
CA SER C 477 14.97 44.80 28.42
C SER C 477 15.59 44.95 27.03
N THR C 478 16.03 43.86 26.42
CA THR C 478 16.64 43.91 25.10
C THR C 478 15.57 43.95 24.02
N PRO C 479 15.92 44.44 22.82
CA PRO C 479 15.03 44.31 21.66
C PRO C 479 15.19 42.94 21.03
N CYS C 480 14.13 42.13 21.09
CA CYS C 480 14.16 40.77 20.56
C CYS C 480 13.80 40.80 19.08
N ASN C 481 14.78 41.19 18.28
CA ASN C 481 14.62 41.18 16.82
C ASN C 481 15.25 39.92 16.24
N GLY C 482 14.57 38.80 16.52
CA GLY C 482 15.05 37.51 16.08
C GLY C 482 16.21 36.95 16.87
N VAL C 483 16.58 37.57 17.98
CA VAL C 483 17.73 37.16 18.75
C VAL C 483 17.28 36.24 19.87
N GLU C 484 18.23 35.48 20.42
CA GLU C 484 17.96 34.56 21.51
C GLU C 484 19.01 34.67 22.60
N GLY C 485 19.64 35.84 22.75
CA GLY C 485 20.77 35.97 23.65
C GLY C 485 20.43 36.34 25.08
N PHE C 486 20.28 35.31 25.92
CA PHE C 486 20.34 35.41 27.37
C PHE C 486 19.18 36.19 27.98
N ASN C 487 18.40 36.88 27.14
CA ASN C 487 17.21 37.55 27.64
C ASN C 487 16.05 37.55 26.65
N CYS C 488 16.15 36.85 25.53
CA CYS C 488 15.11 36.84 24.50
C CYS C 488 14.80 35.38 24.17
N TYR C 489 13.88 34.78 24.93
CA TYR C 489 13.70 33.34 24.88
C TYR C 489 12.61 32.95 23.88
N PHE C 490 12.53 31.64 23.61
CA PHE C 490 11.49 31.03 22.80
C PHE C 490 10.43 30.44 23.71
N PRO C 491 9.15 30.59 23.41
CA PRO C 491 8.11 30.24 24.40
C PRO C 491 7.84 28.75 24.54
N LEU C 492 8.01 27.99 23.47
CA LEU C 492 7.70 26.56 23.49
C LEU C 492 8.80 25.77 24.18
N GLN C 493 8.41 24.72 24.88
CA GLN C 493 9.39 23.83 25.48
C GLN C 493 8.80 22.43 25.56
N SER C 494 9.66 21.42 25.49
CA SER C 494 9.25 20.05 25.31
C SER C 494 9.15 19.30 26.63
N TYR C 495 8.23 18.34 26.67
CA TYR C 495 8.20 17.38 27.76
C TYR C 495 9.24 16.29 27.52
N GLY C 496 9.52 15.52 28.57
CA GLY C 496 10.42 14.39 28.41
C GLY C 496 9.75 13.20 27.79
N PHE C 497 8.77 12.63 28.48
CA PHE C 497 7.98 11.50 28.00
C PHE C 497 8.85 10.31 27.63
N GLN C 498 9.54 9.78 28.64
CA GLN C 498 10.22 8.51 28.49
C GLN C 498 9.46 7.41 29.24
N PRO C 499 9.56 6.16 28.81
CA PRO C 499 8.87 5.08 29.54
C PRO C 499 9.38 4.88 30.95
N THR C 500 10.58 5.38 31.27
CA THR C 500 11.14 5.28 32.61
C THR C 500 10.68 6.41 33.51
N ASN C 501 9.88 7.34 33.01
CA ASN C 501 9.47 8.49 33.81
C ASN C 501 8.59 8.05 34.98
N GLY C 502 8.52 8.91 35.98
CA GLY C 502 7.68 8.64 37.13
C GLY C 502 6.20 8.68 36.77
N VAL C 503 5.38 8.19 37.70
CA VAL C 503 3.95 8.09 37.47
C VAL C 503 3.34 9.44 37.18
N GLY C 504 3.95 10.52 37.68
CA GLY C 504 3.41 11.84 37.44
C GLY C 504 3.90 12.49 36.17
N TYR C 505 5.09 12.12 35.70
CA TYR C 505 5.65 12.70 34.49
C TYR C 505 5.17 12.02 33.21
N GLN C 506 4.50 10.87 33.32
CA GLN C 506 4.01 10.21 32.13
C GLN C 506 2.94 11.08 31.46
N PRO C 507 2.77 10.95 30.15
CA PRO C 507 1.71 11.70 29.47
C PRO C 507 0.33 11.20 29.87
N TYR C 508 -0.61 12.14 29.88
CA TYR C 508 -2.02 11.84 30.03
C TYR C 508 -2.76 12.55 28.90
N ARG C 509 -3.64 11.82 28.23
CA ARG C 509 -4.45 12.40 27.17
C ARG C 509 -5.74 12.91 27.77
N VAL C 510 -6.10 14.14 27.43
CA VAL C 510 -7.24 14.84 28.00
C VAL C 510 -8.23 15.17 26.89
N VAL C 511 -9.49 14.87 27.12
CA VAL C 511 -10.59 15.31 26.29
C VAL C 511 -11.65 15.92 27.20
N VAL C 512 -12.04 17.16 26.89
CA VAL C 512 -12.97 17.90 27.73
C VAL C 512 -14.18 18.31 26.90
N LEU C 513 -15.35 17.93 27.35
CA LEU C 513 -16.59 18.25 26.66
C LEU C 513 -17.22 19.46 27.32
N SER C 514 -17.59 20.45 26.50
CA SER C 514 -18.27 21.64 26.96
C SER C 514 -19.62 21.70 26.26
N PHE C 515 -20.70 21.79 27.05
CA PHE C 515 -22.05 21.76 26.53
C PHE C 515 -22.59 23.17 26.40
N GLU C 516 -23.36 23.40 25.33
CA GLU C 516 -24.13 24.63 25.20
C GLU C 516 -25.56 24.34 25.67
N LEU C 517 -25.81 24.60 26.95
CA LEU C 517 -27.11 24.38 27.56
C LEU C 517 -28.14 25.41 27.14
N LEU C 518 -27.85 26.22 26.13
CA LEU C 518 -28.79 27.21 25.63
C LEU C 518 -30.11 26.56 25.24
N HIS C 519 -31.17 27.36 25.27
CA HIS C 519 -32.51 26.88 24.95
C HIS C 519 -32.88 27.10 23.49
N ALA C 520 -31.88 27.11 22.61
CA ALA C 520 -32.11 27.03 21.18
C ALA C 520 -32.61 25.63 20.85
N PRO C 521 -33.10 25.41 19.63
CA PRO C 521 -33.52 24.05 19.26
C PRO C 521 -32.42 23.03 19.50
N ALA C 522 -32.78 21.91 20.11
CA ALA C 522 -31.79 20.90 20.46
C ALA C 522 -31.29 20.20 19.22
N THR C 523 -30.01 19.86 19.23
CA THR C 523 -29.38 19.14 18.14
C THR C 523 -28.77 17.82 18.57
N VAL C 524 -28.18 17.76 19.77
CA VAL C 524 -27.50 16.57 20.26
C VAL C 524 -28.03 16.21 21.64
N CYS C 525 -28.58 15.01 21.77
CA CYS C 525 -28.94 14.50 23.09
C CYS C 525 -29.38 13.05 23.00
N GLY C 526 -29.10 12.31 24.08
CA GLY C 526 -29.27 10.89 24.11
C GLY C 526 -30.74 10.50 24.14
N PRO C 527 -30.98 9.18 24.21
CA PRO C 527 -32.31 8.57 24.14
C PRO C 527 -33.18 8.86 25.37
C1 NAG D . -12.11 3.03 21.61
C2 NAG D . -11.74 1.57 21.86
C3 NAG D . -12.45 0.96 23.03
C4 NAG D . -13.81 1.51 23.40
C5 NAG D . -14.03 2.94 22.91
C6 NAG D . -14.94 3.71 23.81
C7 NAG D . -11.63 -0.57 20.42
C8 NAG D . -12.03 -1.32 19.15
N2 NAG D . -12.10 0.79 20.63
O3 NAG D . -11.59 1.04 24.19
O4 NAG D . -14.87 0.69 22.88
O5 NAG D . -12.75 3.65 22.80
O6 NAG D . -15.38 4.85 23.13
O7 NAG D . -10.93 -1.10 21.21
C1 NAG D . -14.62 -0.73 22.97
C2 NAG D . -14.78 -1.23 24.40
C3 NAG D . -15.81 -2.27 24.51
C4 NAG D . -15.48 -3.41 23.61
C5 NAG D . -15.41 -2.95 22.16
C6 NAG D . -16.54 -3.57 21.39
C7 NAG D . -12.79 -1.41 26.01
C8 NAG D . -13.40 -0.31 26.88
N2 NAG D . -13.48 -1.84 24.80
O3 NAG D . -17.10 -1.72 24.11
O4 NAG D . -14.21 -3.94 23.99
O5 NAG D . -15.51 -1.48 22.02
O6 NAG D . -17.74 -3.28 22.06
O7 NAG D . -11.76 -1.91 26.31
#